data_4IC8
#
_entry.id   4IC8
#
_cell.length_a   59.900
_cell.length_b   93.220
_cell.length_c   69.260
_cell.angle_alpha   90.00
_cell.angle_beta   89.96
_cell.angle_gamma   90.00
#
_symmetry.space_group_name_H-M   'P 1 21 1'
#
_entity_poly.entity_id   1
_entity_poly.type   'polypeptide(L)'
_entity_poly.pdbx_seq_one_letter_code
;GSMAEPLKEEDGEDGSAEPPGPVKAEPAHTAASVAAKNLALLKARSFDVTFDVGDEYEIIETIGNGAYGVVSSARRRLTG
QQVAIKKIPNAFDVVTNAKRTLRELKILKHFKHDNIIAIKDILRPTVPYGEFKSVYVVLDLMESDLHQIIHSSQPLTLEH
VRYFLYQLLRGLKYMHSAQVIHRDLKPSNLLVNENCELKIGDFGMARGLCTSPAEHQYFMTEYVATRWYRAPELMLSLHE
YTQAIDLWSVGCIFGEMLARRQLFPGKNYVHQLQLIMMVLGTPSPAVIQAVGAERVRAYIQSLPPRQPVPWETVYPGADR
QALSLLGRMLRFEPSARISAAAALRHPFLAKYHDPDDEPDCAPPFDFAFDREALTRERIKEAIVAEIEDFHARREGIRQQ
IRFQPSLQPVASEPGCPDVEMPSPWAPSGDCAMSGRHHHHHH
;
_entity_poly.pdbx_strand_id   A,B
#
# COMPACT_ATOMS: atom_id res chain seq x y z
N LEU A 42 -39.99 4.62 2.75
CA LEU A 42 -39.84 3.20 2.51
C LEU A 42 -38.41 2.74 2.77
N LYS A 43 -37.58 3.66 3.26
CA LYS A 43 -36.20 3.36 3.57
C LYS A 43 -35.87 3.83 4.99
N ALA A 44 -34.78 3.31 5.55
CA ALA A 44 -34.41 3.66 6.92
C ALA A 44 -32.90 3.80 7.13
N ARG A 45 -32.54 4.53 8.18
CA ARG A 45 -31.16 4.85 8.53
C ARG A 45 -30.71 3.83 9.60
N SER A 46 -29.45 3.85 10.08
CA SER A 46 -28.33 4.59 9.52
C SER A 46 -27.03 3.78 9.41
N PHE A 47 -26.49 3.42 10.58
CA PHE A 47 -25.06 3.14 10.76
C PHE A 47 -24.68 1.65 10.73
N ASP A 48 -23.45 1.32 10.30
CA ASP A 48 -22.37 2.28 10.10
C ASP A 48 -21.65 2.07 8.77
N VAL A 49 -21.39 3.15 8.04
CA VAL A 49 -21.78 4.51 8.41
C VAL A 49 -23.25 4.72 8.04
N THR A 50 -23.75 5.95 8.02
CA THR A 50 -25.15 6.15 7.65
C THR A 50 -25.41 5.89 6.17
N PHE A 51 -26.29 4.94 5.89
CA PHE A 51 -26.86 4.73 4.55
C PHE A 51 -28.27 4.12 4.58
N ASP A 52 -29.14 4.61 3.68
CA ASP A 52 -30.55 4.20 3.66
C ASP A 52 -30.76 3.01 2.74
N VAL A 53 -31.13 1.88 3.33
CA VAL A 53 -31.18 0.59 2.63
C VAL A 53 -32.42 0.35 1.76
N GLY A 54 -33.59 0.80 2.23
CA GLY A 54 -34.82 0.53 1.53
C GLY A 54 -35.68 -0.52 2.20
N ASP A 55 -35.16 -1.08 3.29
CA ASP A 55 -35.93 -1.94 4.18
C ASP A 55 -36.35 -3.32 3.64
N GLU A 56 -36.11 -3.58 2.34
CA GLU A 56 -36.34 -4.90 1.78
C GLU A 56 -35.31 -5.86 2.39
N TYR A 57 -34.16 -5.30 2.76
CA TYR A 57 -33.10 -6.03 3.45
C TYR A 57 -32.68 -5.22 4.68
N GLU A 58 -32.33 -5.93 5.75
CA GLU A 58 -31.68 -5.29 6.91
C GLU A 58 -30.69 -6.24 7.56
N ILE A 59 -30.01 -5.74 8.60
CA ILE A 59 -28.91 -6.45 9.25
C ILE A 59 -27.91 -6.93 8.19
N ILE A 60 -27.27 -6.07 7.37
CA ILE A 60 -26.83 -4.66 7.59
C ILE A 60 -25.46 -4.58 8.29
N GLU A 61 -24.91 -5.74 8.65
CA GLU A 61 -23.53 -5.81 9.11
C GLU A 61 -22.58 -5.50 7.96
N THR A 62 -21.55 -4.72 8.24
CA THR A 62 -20.58 -4.31 7.21
C THR A 62 -19.40 -5.26 7.11
N ILE A 63 -19.28 -5.93 5.96
CA ILE A 63 -18.14 -6.79 5.71
C ILE A 63 -16.94 -5.96 5.28
N GLY A 64 -17.20 -4.73 4.87
CA GLY A 64 -16.16 -3.83 4.41
C GLY A 64 -16.68 -2.88 3.35
N VAL A 70 -17.01 0.51 0.08
CA VAL A 70 -17.89 0.20 1.21
C VAL A 70 -18.93 -0.85 0.82
N VAL A 71 -18.94 -1.95 1.55
CA VAL A 71 -19.82 -3.07 1.27
C VAL A 71 -20.45 -3.58 2.57
N SER A 72 -21.70 -4.00 2.51
CA SER A 72 -22.35 -4.64 3.65
C SER A 72 -23.05 -5.91 3.18
N SER A 73 -23.23 -6.87 4.09
CA SER A 73 -24.03 -8.05 3.80
C SER A 73 -25.40 -7.89 4.43
N ALA A 74 -26.44 -8.17 3.67
CA ALA A 74 -27.80 -8.01 4.16
C ALA A 74 -28.67 -9.20 3.79
N ARG A 75 -29.82 -9.30 4.46
CA ARG A 75 -30.77 -10.37 4.20
C ARG A 75 -32.11 -9.79 3.73
N ARG A 76 -32.48 -10.10 2.49
CA ARG A 76 -33.76 -9.67 1.94
C ARG A 76 -34.91 -10.23 2.78
N ARG A 77 -35.88 -9.39 3.09
CA ARG A 77 -37.04 -9.78 3.89
C ARG A 77 -37.88 -10.84 3.17
N LEU A 78 -37.78 -10.83 1.85
CA LEU A 78 -38.57 -11.69 0.97
C LEU A 78 -38.17 -13.16 0.95
N THR A 79 -37.15 -13.53 1.74
CA THR A 79 -36.49 -14.84 1.69
C THR A 79 -35.32 -14.97 0.72
N GLY A 80 -34.95 -13.87 0.08
CA GLY A 80 -33.84 -13.90 -0.87
C GLY A 80 -32.49 -14.12 -0.21
N GLN A 81 -32.52 -14.46 1.07
CA GLN A 81 -31.34 -14.84 1.85
C GLN A 81 -30.25 -13.77 1.90
N GLN A 82 -28.99 -14.20 1.82
CA GLN A 82 -27.88 -13.27 2.03
C GLN A 82 -27.36 -12.66 0.73
N VAL A 83 -27.46 -11.33 0.66
CA VAL A 83 -26.97 -10.59 -0.49
C VAL A 83 -25.92 -9.57 -0.05
N ALA A 84 -25.07 -9.16 -0.98
CA ALA A 84 -24.06 -8.14 -0.70
C ALA A 84 -24.49 -6.79 -1.26
N ILE A 85 -24.48 -5.77 -0.42
CA ILE A 85 -24.86 -4.43 -0.85
C ILE A 85 -23.67 -3.49 -0.88
N LYS A 86 -23.45 -2.87 -2.03
CA LYS A 86 -22.37 -1.91 -2.19
C LYS A 86 -22.95 -0.51 -2.40
N LYS A 87 -22.56 0.42 -1.53
CA LYS A 87 -22.96 1.81 -1.65
C LYS A 87 -21.80 2.57 -2.29
N ILE A 88 -22.12 3.59 -3.07
CA ILE A 88 -21.06 4.40 -3.65
C ILE A 88 -20.97 5.77 -2.97
N PRO A 89 -19.91 5.99 -2.18
CA PRO A 89 -19.68 7.33 -1.63
C PRO A 89 -19.26 8.23 -2.78
N ASN A 90 -19.71 9.47 -2.75
CA ASN A 90 -19.46 10.40 -3.84
C ASN A 90 -19.95 9.83 -5.17
N ALA A 91 -19.01 9.63 -6.09
CA ALA A 91 -19.24 9.18 -7.46
C ALA A 91 -19.85 10.28 -8.30
N PHE A 92 -20.42 11.29 -7.65
CA PHE A 92 -20.79 12.52 -8.31
C PHE A 92 -19.78 13.63 -8.03
N ASP A 93 -18.77 13.30 -7.23
CA ASP A 93 -17.83 14.28 -6.72
C ASP A 93 -16.95 14.91 -7.79
N VAL A 94 -16.86 14.25 -8.95
CA VAL A 94 -15.98 14.73 -10.01
C VAL A 94 -16.20 14.09 -11.37
N VAL A 95 -15.39 14.54 -12.32
CA VAL A 95 -15.16 13.88 -13.61
C VAL A 95 -14.43 12.58 -13.29
N THR A 96 -14.32 11.67 -14.26
CA THR A 96 -13.94 10.29 -13.94
C THR A 96 -15.03 9.66 -13.09
N ASN A 97 -14.83 9.59 -11.77
CA ASN A 97 -15.64 8.76 -10.88
C ASN A 97 -17.15 8.78 -11.12
N ALA A 98 -17.63 9.77 -11.88
CA ALA A 98 -19.00 9.73 -12.40
C ALA A 98 -19.14 8.68 -13.51
N LYS A 99 -18.44 8.90 -14.62
CA LYS A 99 -18.52 8.02 -15.78
C LYS A 99 -18.05 6.58 -15.50
N ARG A 100 -17.22 6.42 -14.47
CA ARG A 100 -16.75 5.09 -14.08
C ARG A 100 -17.92 4.23 -13.60
N THR A 101 -18.80 4.83 -12.80
CA THR A 101 -19.91 4.09 -12.20
C THR A 101 -21.12 4.02 -13.13
N LEU A 102 -21.07 4.77 -14.24
CA LEU A 102 -22.07 4.59 -15.28
C LEU A 102 -21.73 3.32 -16.04
N ARG A 103 -20.45 3.15 -16.33
CA ARG A 103 -19.97 1.95 -17.01
C ARG A 103 -20.19 0.71 -16.17
N GLU A 104 -19.75 0.76 -14.92
CA GLU A 104 -19.90 -0.38 -14.01
C GLU A 104 -21.36 -0.78 -13.88
N LEU A 105 -22.24 0.20 -13.77
CA LEU A 105 -23.67 -0.05 -13.66
C LEU A 105 -24.20 -0.76 -14.91
N LYS A 106 -23.86 -0.24 -16.08
CA LYS A 106 -24.30 -0.83 -17.34
C LYS A 106 -23.61 -2.16 -17.62
N ILE A 107 -22.42 -2.34 -17.03
CA ILE A 107 -21.61 -3.51 -17.28
C ILE A 107 -22.08 -4.73 -16.48
N LEU A 108 -22.52 -4.49 -15.24
CA LEU A 108 -23.00 -5.57 -14.39
C LEU A 108 -24.33 -6.08 -14.94
N LYS A 109 -25.14 -5.15 -15.43
CA LYS A 109 -26.43 -5.45 -16.02
C LYS A 109 -26.32 -6.33 -17.25
N HIS A 110 -25.38 -6.00 -18.13
CA HIS A 110 -25.25 -6.69 -19.41
C HIS A 110 -24.83 -8.15 -19.25
N PHE A 111 -24.20 -8.46 -18.13
CA PHE A 111 -23.64 -9.79 -17.93
C PHE A 111 -24.50 -10.67 -17.02
N LYS A 112 -25.07 -11.71 -17.61
CA LYS A 112 -25.69 -12.77 -16.82
C LYS A 112 -24.87 -14.05 -17.01
N HIS A 113 -24.09 -14.41 -16.00
CA HIS A 113 -23.26 -15.59 -16.04
C HIS A 113 -23.01 -16.07 -14.62
N ASP A 114 -22.87 -17.39 -14.44
CA ASP A 114 -22.61 -17.95 -13.12
C ASP A 114 -21.27 -17.48 -12.56
N ASN A 115 -20.30 -17.30 -13.45
CA ASN A 115 -18.95 -16.92 -13.05
C ASN A 115 -18.66 -15.42 -13.08
N ILE A 116 -19.68 -14.63 -13.39
CA ILE A 116 -19.52 -13.18 -13.40
C ILE A 116 -20.54 -12.51 -12.48
N ILE A 117 -20.04 -11.64 -11.60
CA ILE A 117 -20.90 -10.93 -10.67
C ILE A 117 -21.90 -10.06 -11.43
N ALA A 118 -23.11 -9.98 -10.90
CA ALA A 118 -24.18 -9.19 -11.51
C ALA A 118 -25.05 -8.59 -10.43
N ILE A 119 -26.17 -7.99 -10.83
CA ILE A 119 -27.03 -7.30 -9.89
C ILE A 119 -28.26 -8.12 -9.51
N LYS A 120 -28.48 -8.29 -8.21
CA LYS A 120 -29.70 -8.89 -7.71
C LYS A 120 -30.80 -7.84 -7.77
N ASP A 121 -30.48 -6.63 -7.32
CA ASP A 121 -31.42 -5.52 -7.37
C ASP A 121 -30.65 -4.21 -7.27
N ILE A 122 -31.27 -3.12 -7.72
CA ILE A 122 -30.69 -1.81 -7.54
C ILE A 122 -31.78 -0.84 -7.10
N LEU A 123 -31.59 -0.29 -5.90
CA LEU A 123 -32.60 0.55 -5.29
C LEU A 123 -32.40 2.00 -5.62
N ARG A 124 -33.49 2.69 -5.95
CA ARG A 124 -33.45 4.13 -6.00
C ARG A 124 -33.05 4.56 -4.61
N PRO A 125 -31.88 5.19 -4.49
CA PRO A 125 -31.29 5.61 -3.21
C PRO A 125 -32.16 6.71 -2.66
N THR A 126 -33.36 6.36 -2.19
CA THR A 126 -34.49 7.22 -2.48
C THR A 126 -34.24 8.67 -2.12
N VAL A 127 -34.21 9.45 -3.19
CA VAL A 127 -34.29 10.89 -3.17
C VAL A 127 -35.00 11.19 -4.47
N PRO A 128 -35.88 12.18 -4.48
CA PRO A 128 -36.54 12.56 -5.74
C PRO A 128 -35.68 13.52 -6.56
N TYR A 129 -34.46 13.11 -6.88
CA TYR A 129 -33.49 13.91 -7.64
C TYR A 129 -33.00 15.13 -6.85
N GLY A 130 -33.68 15.47 -5.76
CA GLY A 130 -33.11 16.46 -4.85
C GLY A 130 -31.90 15.81 -4.22
N GLU A 131 -30.74 16.40 -4.46
CA GLU A 131 -29.48 15.88 -3.95
C GLU A 131 -29.33 14.37 -4.09
N PHE A 132 -29.56 13.82 -5.28
CA PHE A 132 -29.38 12.39 -5.42
C PHE A 132 -27.86 12.25 -5.51
N LYS A 133 -27.29 11.77 -4.41
CA LYS A 133 -25.84 11.76 -4.23
C LYS A 133 -25.13 10.41 -4.32
N SER A 134 -25.87 9.33 -4.40
CA SER A 134 -25.29 8.00 -4.24
C SER A 134 -26.16 6.93 -4.87
N VAL A 135 -25.60 5.74 -5.09
CA VAL A 135 -26.39 4.61 -5.55
C VAL A 135 -26.00 3.32 -4.83
N TYR A 136 -26.95 2.41 -4.69
CA TYR A 136 -26.68 1.13 -4.05
C TYR A 136 -26.91 0.00 -5.04
N VAL A 137 -25.86 -0.79 -5.28
CA VAL A 137 -25.99 -1.98 -6.12
C VAL A 137 -26.05 -3.22 -5.24
N VAL A 138 -27.01 -4.11 -5.51
CA VAL A 138 -27.11 -5.34 -4.74
C VAL A 138 -26.49 -6.51 -5.49
N LEU A 139 -25.47 -7.10 -4.88
CA LEU A 139 -24.74 -8.22 -5.47
C LEU A 139 -24.92 -9.42 -4.56
N ASP A 140 -24.70 -10.61 -5.09
CA ASP A 140 -24.78 -11.82 -4.29
C ASP A 140 -23.62 -11.89 -3.32
N LEU A 141 -23.85 -12.47 -2.14
CA LEU A 141 -22.84 -12.50 -1.09
C LEU A 141 -21.82 -13.61 -1.32
N MET A 142 -20.56 -13.21 -1.46
CA MET A 142 -19.46 -14.14 -1.58
C MET A 142 -18.61 -14.06 -0.30
N GLU A 143 -18.45 -15.20 0.37
CA GLU A 143 -17.76 -15.27 1.66
C GLU A 143 -16.34 -14.72 1.61
N SER A 144 -15.65 -14.98 0.51
CA SER A 144 -14.23 -14.67 0.44
C SER A 144 -13.80 -14.37 -0.99
N ASP A 145 -12.50 -14.23 -1.19
CA ASP A 145 -11.94 -14.17 -2.53
C ASP A 145 -10.72 -15.08 -2.65
N LEU A 146 -10.24 -15.27 -3.87
CA LEU A 146 -9.10 -16.15 -4.08
C LEU A 146 -7.83 -15.60 -3.43
N HIS A 147 -7.80 -14.29 -3.17
CA HIS A 147 -6.65 -13.65 -2.56
C HIS A 147 -6.38 -14.16 -1.15
N GLN A 148 -7.45 -14.48 -0.42
CA GLN A 148 -7.32 -14.92 0.97
C GLN A 148 -6.64 -16.28 1.09
N ILE A 149 -7.09 -17.24 0.29
CA ILE A 149 -6.67 -18.64 0.46
C ILE A 149 -5.55 -19.19 -0.45
N ILE A 150 -5.04 -18.40 -1.39
CA ILE A 150 -4.04 -18.92 -2.34
C ILE A 150 -2.74 -19.40 -1.67
N HIS A 151 -2.13 -18.51 -0.88
CA HIS A 151 -0.86 -18.80 -0.22
C HIS A 151 -1.07 -19.71 0.99
N SER A 152 -0.08 -20.53 1.37
CA SER A 152 1.18 -20.75 0.67
C SER A 152 1.68 -22.14 1.07
N THR A 157 -4.48 -27.94 -4.46
CA THR A 157 -4.82 -29.29 -4.92
C THR A 157 -5.15 -29.28 -6.41
N LEU A 158 -4.66 -30.30 -7.11
CA LEU A 158 -4.84 -30.36 -8.56
C LEU A 158 -6.31 -30.52 -8.93
N GLU A 159 -7.08 -31.13 -8.03
CA GLU A 159 -8.53 -31.22 -8.17
C GLU A 159 -9.20 -29.88 -7.87
N HIS A 160 -8.65 -29.14 -6.91
CA HIS A 160 -9.21 -27.87 -6.50
C HIS A 160 -8.95 -26.77 -7.53
N VAL A 161 -7.78 -26.81 -8.16
CA VAL A 161 -7.44 -25.80 -9.16
C VAL A 161 -8.26 -25.94 -10.44
N ARG A 162 -8.35 -27.15 -10.98
CA ARG A 162 -9.05 -27.37 -12.25
C ARG A 162 -10.52 -26.93 -12.19
N TYR A 163 -11.12 -27.06 -11.01
CA TYR A 163 -12.48 -26.58 -10.80
C TYR A 163 -12.47 -25.05 -10.74
N PHE A 164 -11.46 -24.50 -10.11
CA PHE A 164 -11.29 -23.06 -10.00
C PHE A 164 -11.07 -22.39 -11.35
N LEU A 165 -10.04 -22.84 -12.05
CA LEU A 165 -9.68 -22.26 -13.34
C LEU A 165 -10.77 -22.42 -14.40
N TYR A 166 -11.49 -23.53 -14.33
CA TYR A 166 -12.58 -23.78 -15.27
C TYR A 166 -13.63 -22.69 -15.15
N GLN A 167 -13.94 -22.30 -13.92
CA GLN A 167 -14.89 -21.22 -13.68
C GLN A 167 -14.29 -19.88 -14.06
N LEU A 168 -12.98 -19.74 -13.85
CA LEU A 168 -12.24 -18.55 -14.26
C LEU A 168 -12.40 -18.33 -15.76
N LEU A 169 -12.13 -19.39 -16.52
CA LEU A 169 -12.10 -19.30 -17.98
C LEU A 169 -13.49 -19.17 -18.60
N ARG A 170 -14.45 -19.91 -18.06
CA ARG A 170 -15.84 -19.82 -18.52
C ARG A 170 -16.36 -18.41 -18.36
N GLY A 171 -16.13 -17.82 -17.19
CA GLY A 171 -16.52 -16.46 -16.93
C GLY A 171 -15.71 -15.51 -17.79
N LEU A 172 -14.48 -15.89 -18.09
CA LEU A 172 -13.63 -15.10 -18.97
C LEU A 172 -14.15 -15.05 -20.41
N LYS A 173 -14.71 -16.17 -20.88
CA LYS A 173 -15.21 -16.28 -22.25
C LYS A 173 -16.49 -15.48 -22.45
N TYR A 174 -17.41 -15.57 -21.49
CA TYR A 174 -18.65 -14.81 -21.54
C TYR A 174 -18.35 -13.32 -21.63
N MET A 175 -17.32 -12.91 -20.90
CA MET A 175 -16.89 -11.52 -20.86
C MET A 175 -16.40 -11.05 -22.22
N HIS A 176 -15.52 -11.83 -22.83
CA HIS A 176 -14.88 -11.48 -24.09
C HIS A 176 -15.86 -11.55 -25.26
N SER A 177 -16.93 -12.31 -25.08
CA SER A 177 -17.96 -12.45 -26.11
C SER A 177 -18.70 -11.13 -26.29
N ALA A 178 -18.75 -10.36 -25.20
CA ALA A 178 -19.43 -9.07 -25.20
C ALA A 178 -18.47 -7.93 -25.57
N GLN A 179 -17.25 -8.29 -25.93
CA GLN A 179 -16.19 -7.34 -26.26
C GLN A 179 -15.81 -6.48 -25.06
N VAL A 180 -15.73 -7.11 -23.89
CA VAL A 180 -15.37 -6.44 -22.66
C VAL A 180 -14.20 -7.15 -22.00
N ILE A 181 -13.23 -6.39 -21.52
CA ILE A 181 -12.06 -6.96 -20.87
C ILE A 181 -11.92 -6.49 -19.42
N HIS A 182 -11.55 -7.41 -18.54
CA HIS A 182 -11.28 -7.06 -17.16
C HIS A 182 -10.05 -6.17 -17.10
N ARG A 183 -9.08 -6.45 -17.96
CA ARG A 183 -7.85 -5.67 -18.13
C ARG A 183 -6.92 -5.71 -16.92
N ASP A 184 -7.46 -6.13 -15.78
CA ASP A 184 -6.70 -6.40 -14.57
C ASP A 184 -7.31 -7.64 -13.96
N LEU A 185 -6.53 -8.70 -13.79
CA LEU A 185 -7.04 -9.87 -13.12
C LEU A 185 -6.12 -10.30 -11.99
N LYS A 186 -6.61 -10.16 -10.77
CA LYS A 186 -5.86 -10.56 -9.59
C LYS A 186 -6.70 -11.55 -8.80
N PRO A 187 -6.04 -12.39 -7.97
CA PRO A 187 -6.75 -13.30 -7.07
C PRO A 187 -7.70 -12.54 -6.14
N SER A 188 -7.41 -11.25 -5.94
CA SER A 188 -8.29 -10.39 -5.16
C SER A 188 -9.58 -10.07 -5.91
N ASN A 189 -9.55 -10.28 -7.23
CA ASN A 189 -10.73 -10.05 -8.06
C ASN A 189 -11.56 -11.29 -8.34
N LEU A 190 -11.14 -12.43 -7.80
CA LEU A 190 -11.90 -13.66 -7.97
C LEU A 190 -12.66 -14.01 -6.70
N LEU A 191 -13.99 -13.86 -6.78
CA LEU A 191 -14.85 -14.08 -5.63
C LEU A 191 -15.09 -15.57 -5.41
N VAL A 192 -14.74 -16.03 -4.23
CA VAL A 192 -14.81 -17.44 -3.94
C VAL A 192 -15.39 -17.67 -2.54
N ASN A 193 -16.35 -18.58 -2.46
CA ASN A 193 -16.80 -19.15 -1.18
C ASN A 193 -16.58 -20.67 -1.26
N GLU A 194 -16.84 -21.43 -0.21
CA GLU A 194 -16.63 -22.89 -0.35
C GLU A 194 -17.72 -23.83 0.18
N ASN A 195 -18.43 -24.57 -0.68
CA ASN A 195 -18.43 -24.45 -2.16
C ASN A 195 -17.17 -24.57 -3.05
N CYS A 196 -16.63 -23.41 -3.44
CA CYS A 196 -15.63 -23.19 -4.52
C CYS A 196 -16.18 -22.68 -5.85
N GLU A 197 -17.48 -22.36 -5.86
CA GLU A 197 -18.05 -21.51 -6.92
C GLU A 197 -17.27 -20.20 -7.06
N LEU A 198 -17.07 -19.75 -8.29
CA LEU A 198 -16.24 -18.59 -8.60
C LEU A 198 -17.03 -17.50 -9.32
N LYS A 199 -16.83 -16.25 -8.91
CA LYS A 199 -17.36 -15.11 -9.63
C LYS A 199 -16.27 -14.06 -9.82
N ILE A 200 -16.19 -13.51 -11.03
CA ILE A 200 -15.15 -12.56 -11.36
C ILE A 200 -15.51 -11.16 -10.87
N GLY A 201 -14.66 -10.63 -10.01
CA GLY A 201 -14.89 -9.33 -9.39
C GLY A 201 -14.28 -8.16 -10.14
N ASP A 202 -14.89 -6.99 -9.91
CA ASP A 202 -14.56 -5.72 -10.55
C ASP A 202 -14.51 -5.80 -12.08
N PHE A 203 -13.73 -4.93 -12.72
CA PHE A 203 -13.79 -4.78 -14.18
C PHE A 203 -12.66 -3.88 -14.71
N GLY A 204 -12.70 -3.57 -15.99
CA GLY A 204 -11.67 -2.76 -16.61
C GLY A 204 -11.76 -1.30 -16.26
N MET A 205 -10.60 -0.67 -16.07
CA MET A 205 -10.53 0.76 -15.77
C MET A 205 -9.13 1.30 -16.07
N THR A 221 -0.58 6.25 -14.65
CA THR A 221 -0.90 6.90 -13.38
C THR A 221 0.13 6.52 -12.33
N GLU A 222 0.31 7.38 -11.33
CA GLU A 222 1.21 7.09 -10.19
C GLU A 222 2.68 6.68 -10.61
N TYR A 223 3.23 5.46 -10.43
CA TYR A 223 2.64 4.24 -9.90
C TYR A 223 3.44 3.63 -8.76
N VAL A 224 4.53 2.96 -9.13
CA VAL A 224 5.28 2.06 -8.24
C VAL A 224 4.42 0.86 -7.84
N ALA A 225 3.16 0.85 -8.30
CA ALA A 225 2.16 -0.08 -7.82
C ALA A 225 2.41 -1.52 -8.27
N THR A 226 1.51 -2.40 -7.86
CA THR A 226 1.73 -3.83 -8.06
C THR A 226 0.68 -4.49 -8.93
N ARG A 227 1.09 -4.88 -10.13
CA ARG A 227 0.38 -5.90 -10.88
C ARG A 227 1.42 -6.92 -11.33
N TRP A 228 1.38 -8.10 -10.72
CA TRP A 228 2.29 -9.18 -11.10
C TRP A 228 1.56 -10.16 -12.00
N TYR A 229 0.26 -9.93 -12.16
CA TYR A 229 -0.58 -10.74 -13.02
C TYR A 229 -0.84 -10.08 -14.37
N ARG A 230 -0.31 -8.88 -14.56
CA ARG A 230 -0.56 -8.15 -15.80
C ARG A 230 0.31 -8.65 -16.95
N ALA A 231 -0.25 -8.58 -18.16
CA ALA A 231 0.42 -9.08 -19.35
C ALA A 231 1.54 -8.14 -19.79
N PRO A 232 2.66 -8.72 -20.26
CA PRO A 232 3.82 -7.96 -20.73
C PRO A 232 3.53 -7.04 -21.91
N GLU A 233 2.40 -7.24 -22.59
CA GLU A 233 1.96 -6.28 -23.60
C GLU A 233 1.25 -5.08 -22.99
N LEU A 234 0.56 -5.28 -21.86
CA LEU A 234 -0.11 -4.18 -21.15
C LEU A 234 0.93 -3.14 -20.75
N MET A 235 1.75 -3.52 -19.78
CA MET A 235 2.87 -2.70 -19.34
C MET A 235 4.10 -3.22 -20.06
N LEU A 236 5.00 -2.29 -20.41
CA LEU A 236 6.10 -2.45 -21.38
C LEU A 236 5.60 -2.22 -22.80
N SER A 237 4.29 -2.28 -22.99
CA SER A 237 3.63 -1.99 -24.27
C SER A 237 4.37 -2.58 -25.48
N LEU A 238 4.83 -3.83 -25.36
CA LEU A 238 5.62 -4.48 -26.41
C LEU A 238 4.94 -4.30 -27.76
N HIS A 239 3.64 -4.53 -27.78
CA HIS A 239 2.79 -4.15 -28.89
C HIS A 239 1.36 -4.09 -28.37
N GLU A 240 0.43 -3.73 -29.24
CA GLU A 240 -0.95 -3.64 -28.82
C GLU A 240 -1.55 -5.03 -28.63
N TYR A 241 -2.61 -5.10 -27.85
CA TYR A 241 -3.04 -6.35 -27.23
C TYR A 241 -4.35 -6.93 -27.76
N THR A 242 -4.71 -8.10 -27.23
CA THR A 242 -5.97 -8.79 -27.53
C THR A 242 -6.54 -9.37 -26.26
N GLN A 243 -7.69 -10.02 -26.36
CA GLN A 243 -8.39 -10.53 -25.19
C GLN A 243 -7.61 -11.63 -24.47
N ALA A 244 -6.51 -12.05 -25.07
CA ALA A 244 -5.64 -13.06 -24.47
C ALA A 244 -4.89 -12.56 -23.25
N ILE A 245 -4.92 -11.25 -22.99
CA ILE A 245 -4.17 -10.70 -21.84
C ILE A 245 -4.72 -11.13 -20.49
N ASP A 246 -6.02 -11.42 -20.41
CA ASP A 246 -6.62 -11.86 -19.16
C ASP A 246 -6.21 -13.30 -18.87
N LEU A 247 -5.73 -13.98 -19.91
CA LEU A 247 -5.27 -15.35 -19.77
C LEU A 247 -3.87 -15.44 -19.20
N TRP A 248 -3.04 -14.46 -19.52
CA TRP A 248 -1.71 -14.37 -18.92
C TRP A 248 -1.88 -14.26 -17.42
N SER A 249 -2.86 -13.46 -17.01
CA SER A 249 -3.19 -13.31 -15.60
C SER A 249 -3.67 -14.63 -15.00
N VAL A 250 -4.51 -15.35 -15.74
CA VAL A 250 -4.98 -16.65 -15.28
C VAL A 250 -3.81 -17.60 -15.14
N GLY A 251 -2.85 -17.50 -16.07
CA GLY A 251 -1.65 -18.32 -16.02
C GLY A 251 -0.78 -18.00 -14.81
N CYS A 252 -0.74 -16.72 -14.44
CA CYS A 252 0.04 -16.29 -13.29
C CYS A 252 -0.60 -16.72 -11.97
N ILE A 253 -1.93 -16.64 -11.93
CA ILE A 253 -2.69 -17.11 -10.77
C ILE A 253 -2.61 -18.63 -10.68
N PHE A 254 -2.69 -19.28 -11.84
CA PHE A 254 -2.57 -20.73 -11.97
C PHE A 254 -1.31 -21.20 -11.27
N GLY A 255 -0.18 -20.60 -11.62
CA GLY A 255 1.10 -20.96 -11.03
C GLY A 255 1.11 -20.79 -9.53
N GLU A 256 0.60 -19.66 -9.05
CA GLU A 256 0.65 -19.32 -7.63
C GLU A 256 -0.06 -20.34 -6.75
N MET A 257 -1.14 -20.92 -7.25
CA MET A 257 -1.84 -21.95 -6.50
C MET A 257 -1.08 -23.26 -6.59
N LEU A 258 -0.50 -23.50 -7.76
CA LEU A 258 0.31 -24.69 -8.00
C LEU A 258 1.67 -24.60 -7.32
N ALA A 259 2.39 -23.52 -7.58
CA ALA A 259 3.75 -23.35 -7.05
C ALA A 259 3.74 -22.94 -5.59
N ARG A 260 2.55 -22.57 -5.09
CA ARG A 260 2.39 -22.06 -3.74
C ARG A 260 3.04 -20.68 -3.55
N ARG A 261 3.69 -20.19 -4.61
CA ARG A 261 4.39 -18.92 -4.54
C ARG A 261 4.11 -18.02 -5.74
N GLN A 262 4.38 -16.73 -5.57
CA GLN A 262 4.18 -15.75 -6.62
C GLN A 262 5.14 -15.97 -7.78
N LEU A 263 4.62 -15.90 -9.00
CA LEU A 263 5.42 -16.18 -10.19
C LEU A 263 6.39 -15.05 -10.57
N PHE A 264 5.89 -13.82 -10.64
CA PHE A 264 6.71 -12.69 -11.07
C PHE A 264 6.66 -11.52 -10.08
N PRO A 265 7.49 -11.58 -9.04
CA PRO A 265 7.54 -10.52 -8.02
C PRO A 265 8.53 -9.41 -8.35
N GLY A 266 8.31 -8.73 -9.47
CA GLY A 266 9.22 -7.69 -9.92
C GLY A 266 9.23 -6.45 -9.06
N LYS A 267 10.43 -5.97 -8.74
CA LYS A 267 10.57 -4.69 -8.08
C LYS A 267 9.94 -3.61 -8.95
N ASN A 268 10.09 -3.81 -10.26
CA ASN A 268 9.43 -3.01 -11.29
C ASN A 268 9.64 -3.69 -12.64
N TYR A 269 9.17 -3.04 -13.70
CA TYR A 269 9.36 -3.54 -15.07
C TYR A 269 10.83 -3.87 -15.35
N VAL A 270 11.73 -3.08 -14.76
CA VAL A 270 13.16 -3.36 -14.83
C VAL A 270 13.48 -4.74 -14.27
N HIS A 271 12.94 -5.05 -13.09
CA HIS A 271 13.11 -6.38 -12.51
C HIS A 271 12.10 -7.38 -13.06
N GLN A 272 10.86 -6.93 -13.27
CA GLN A 272 9.76 -7.81 -13.67
C GLN A 272 10.08 -8.60 -14.93
N LEU A 273 10.40 -7.88 -16.01
CA LEU A 273 10.71 -8.52 -17.28
C LEU A 273 11.82 -9.54 -17.13
N GLN A 274 12.83 -9.19 -16.34
CA GLN A 274 13.95 -10.10 -16.05
C GLN A 274 13.47 -11.32 -15.27
N LEU A 275 12.61 -11.09 -14.28
CA LEU A 275 12.00 -12.17 -13.51
C LEU A 275 11.09 -12.99 -14.40
N ILE A 276 10.39 -12.31 -15.30
CA ILE A 276 9.60 -13.00 -16.31
C ILE A 276 10.53 -13.75 -17.26
N MET A 277 11.69 -13.16 -17.57
CA MET A 277 12.61 -13.72 -18.57
C MET A 277 13.06 -15.16 -18.34
N MET A 278 13.27 -15.53 -17.07
CA MET A 278 13.82 -16.83 -16.73
C MET A 278 12.91 -17.98 -17.17
N VAL A 279 11.63 -17.87 -16.85
CA VAL A 279 10.69 -18.97 -17.08
C VAL A 279 10.28 -19.17 -18.54
N LEU A 280 9.98 -18.10 -19.26
CA LEU A 280 9.56 -18.22 -20.65
C LEU A 280 10.73 -18.15 -21.63
N GLY A 281 11.90 -17.78 -21.11
CA GLY A 281 13.10 -17.73 -21.91
C GLY A 281 13.12 -16.56 -22.88
N THR A 282 14.27 -16.36 -23.51
CA THR A 282 14.44 -15.22 -24.42
C THR A 282 13.84 -15.50 -25.80
N PRO A 283 13.02 -14.56 -26.27
CA PRO A 283 12.30 -14.53 -27.54
C PRO A 283 13.11 -14.13 -28.77
N SER A 284 13.71 -15.10 -29.45
CA SER A 284 14.08 -14.82 -30.83
C SER A 284 13.43 -15.72 -31.92
N PRO A 285 12.08 -15.78 -31.94
CA PRO A 285 11.23 -16.00 -33.12
C PRO A 285 10.76 -14.64 -33.64
N ALA A 286 9.71 -14.68 -34.47
CA ALA A 286 9.06 -13.46 -34.96
C ALA A 286 8.45 -12.57 -33.88
N VAL A 287 8.50 -13.00 -32.62
CA VAL A 287 8.04 -12.17 -31.49
C VAL A 287 8.67 -10.79 -31.52
N ILE A 288 10.00 -10.75 -31.62
CA ILE A 288 10.70 -9.50 -31.89
C ILE A 288 10.35 -9.05 -33.30
N GLN A 289 10.34 -7.74 -33.53
CA GLN A 289 9.88 -7.11 -34.78
C GLN A 289 8.36 -7.13 -34.91
N ALA A 290 7.69 -7.93 -34.07
CA ALA A 290 6.25 -7.79 -33.87
C ALA A 290 6.06 -6.85 -32.70
N VAL A 291 7.18 -6.49 -32.08
CA VAL A 291 7.18 -5.59 -30.95
C VAL A 291 7.16 -4.14 -31.42
N GLY A 292 6.48 -3.28 -30.66
CA GLY A 292 6.44 -1.85 -30.95
C GLY A 292 7.83 -1.28 -30.90
N ALA A 293 8.62 -1.74 -29.93
CA ALA A 293 10.05 -1.49 -29.88
C ALA A 293 10.31 0.06 -29.89
N GLU A 294 11.34 0.67 -30.51
CA GLU A 294 12.58 0.13 -31.06
C GLU A 294 13.54 -0.41 -30.00
N ARG A 295 13.61 0.27 -28.87
CA ARG A 295 14.54 -0.11 -27.81
C ARG A 295 14.23 -1.48 -27.22
N VAL A 296 12.94 -1.80 -27.13
CA VAL A 296 12.51 -3.10 -26.60
C VAL A 296 13.00 -4.27 -27.44
N ARG A 297 12.92 -4.15 -28.76
CA ARG A 297 13.45 -5.19 -29.64
C ARG A 297 14.97 -5.22 -29.56
N ALA A 298 15.57 -4.04 -29.43
CA ALA A 298 17.01 -3.94 -29.25
C ALA A 298 17.41 -4.61 -27.94
N TYR A 299 16.67 -4.30 -26.88
CA TYR A 299 16.91 -4.89 -25.57
C TYR A 299 16.72 -6.41 -25.58
N ILE A 300 15.71 -6.87 -26.31
CA ILE A 300 15.41 -8.29 -26.42
C ILE A 300 16.55 -9.05 -27.09
N GLN A 301 17.02 -8.52 -28.22
CA GLN A 301 18.11 -9.15 -28.98
C GLN A 301 19.47 -8.98 -28.31
N SER A 302 19.70 -7.81 -27.71
CA SER A 302 20.95 -7.56 -26.99
C SER A 302 21.07 -8.50 -25.80
N LEU A 303 19.94 -8.80 -25.18
CA LEU A 303 19.90 -9.79 -24.10
C LEU A 303 20.24 -11.15 -24.68
N PRO A 304 21.04 -11.94 -23.94
CA PRO A 304 21.43 -13.28 -24.41
C PRO A 304 20.23 -14.19 -24.58
N PRO A 305 20.13 -14.87 -25.74
CA PRO A 305 19.03 -15.78 -26.01
C PRO A 305 19.06 -17.02 -25.11
N ARG A 306 18.74 -16.85 -23.84
CA ARG A 306 18.65 -17.96 -22.90
C ARG A 306 17.59 -18.94 -23.39
N GLN A 307 17.88 -20.23 -23.31
CA GLN A 307 17.08 -21.25 -23.98
C GLN A 307 15.93 -21.82 -23.14
N PRO A 308 14.69 -21.56 -23.58
CA PRO A 308 13.41 -22.03 -23.02
C PRO A 308 12.95 -23.31 -23.76
N VAL A 309 11.82 -23.93 -23.41
CA VAL A 309 11.01 -23.67 -22.22
C VAL A 309 11.00 -24.95 -21.38
N PRO A 310 11.60 -24.91 -20.19
CA PRO A 310 11.70 -26.14 -19.38
C PRO A 310 10.59 -26.33 -18.33
N TRP A 311 9.33 -26.39 -18.75
CA TRP A 311 8.20 -26.39 -17.82
C TRP A 311 8.20 -27.54 -16.80
N GLU A 312 8.42 -28.77 -17.28
CA GLU A 312 8.49 -29.95 -16.44
C GLU A 312 9.45 -29.76 -15.28
N THR A 313 10.57 -29.10 -15.57
CA THR A 313 11.55 -28.75 -14.55
C THR A 313 11.04 -27.61 -13.70
N VAL A 314 10.24 -26.71 -14.29
CA VAL A 314 9.72 -25.58 -13.53
C VAL A 314 8.71 -26.05 -12.47
N TYR A 315 7.81 -26.95 -12.84
CA TYR A 315 6.89 -27.50 -11.84
C TYR A 315 7.07 -29.01 -11.62
N PRO A 316 7.69 -29.38 -10.48
CA PRO A 316 7.76 -30.76 -9.98
C PRO A 316 6.43 -31.27 -9.45
N GLY A 317 5.66 -30.40 -8.80
CA GLY A 317 4.43 -30.80 -8.14
C GLY A 317 3.24 -30.73 -9.07
N ALA A 318 3.50 -30.70 -10.37
CA ALA A 318 2.43 -30.61 -11.35
C ALA A 318 2.44 -31.76 -12.34
N ASP A 319 1.23 -32.14 -12.78
CA ASP A 319 1.06 -33.14 -13.82
C ASP A 319 1.35 -32.50 -15.18
N ARG A 320 1.73 -33.31 -16.16
CA ARG A 320 2.06 -32.84 -17.50
C ARG A 320 0.96 -31.97 -18.10
N GLN A 321 -0.28 -32.26 -17.71
CA GLN A 321 -1.45 -31.55 -18.20
C GLN A 321 -1.46 -30.08 -17.80
N ALA A 322 -1.40 -29.81 -16.51
CA ALA A 322 -1.38 -28.44 -16.01
C ALA A 322 -0.16 -27.69 -16.52
N LEU A 323 0.96 -28.41 -16.62
CA LEU A 323 2.18 -27.84 -17.18
C LEU A 323 1.96 -27.43 -18.63
N SER A 324 1.15 -28.21 -19.34
CA SER A 324 0.88 -27.95 -20.74
C SER A 324 -0.07 -26.75 -20.90
N LEU A 325 -1.03 -26.63 -20.00
CA LEU A 325 -1.95 -25.49 -20.02
C LEU A 325 -1.23 -24.21 -19.64
N LEU A 326 -0.27 -24.34 -18.72
CA LEU A 326 0.57 -23.23 -18.30
C LEU A 326 1.38 -22.68 -19.46
N GLY A 327 1.98 -23.60 -20.22
CA GLY A 327 2.80 -23.23 -21.36
C GLY A 327 2.06 -22.43 -22.41
N ARG A 328 0.85 -22.86 -22.75
CA ARG A 328 0.06 -22.18 -23.77
C ARG A 328 -0.55 -20.89 -23.25
N MET A 329 -0.79 -20.84 -21.94
CA MET A 329 -1.36 -19.65 -21.30
C MET A 329 -0.33 -18.54 -21.14
N LEU A 330 0.91 -18.92 -20.83
CA LEU A 330 1.96 -17.93 -20.72
C LEU A 330 2.80 -17.97 -22.00
N ARG A 331 2.61 -16.95 -22.82
CA ARG A 331 3.24 -16.90 -24.13
C ARG A 331 3.45 -15.43 -24.48
N PHE A 332 4.59 -15.14 -25.12
CA PHE A 332 4.95 -13.77 -25.44
C PHE A 332 3.93 -13.07 -26.31
N GLU A 333 3.57 -13.71 -27.42
CA GLU A 333 2.73 -13.08 -28.42
C GLU A 333 1.25 -13.42 -28.29
N PRO A 334 0.42 -12.38 -28.08
CA PRO A 334 -1.04 -12.42 -28.09
C PRO A 334 -1.59 -13.13 -29.32
N SER A 335 -0.87 -13.06 -30.44
CA SER A 335 -1.27 -13.76 -31.65
C SER A 335 -1.24 -15.27 -31.44
N ALA A 336 -0.13 -15.76 -30.90
CA ALA A 336 0.05 -17.19 -30.67
C ALA A 336 -0.68 -17.68 -29.42
N ARG A 337 -0.74 -16.83 -28.41
CA ARG A 337 -1.30 -17.22 -27.12
C ARG A 337 -2.74 -17.72 -27.22
N ILE A 338 -3.08 -18.70 -26.39
CA ILE A 338 -4.38 -19.36 -26.43
C ILE A 338 -5.50 -18.39 -26.06
N SER A 339 -6.74 -18.74 -26.42
CA SER A 339 -7.89 -17.92 -26.07
C SER A 339 -8.66 -18.58 -24.93
N ALA A 340 -9.70 -17.91 -24.45
CA ALA A 340 -10.50 -18.46 -23.35
C ALA A 340 -11.29 -19.67 -23.81
N ALA A 341 -11.87 -19.57 -25.00
CA ALA A 341 -12.65 -20.66 -25.58
C ALA A 341 -11.77 -21.85 -25.90
N ALA A 342 -10.55 -21.57 -26.36
CA ALA A 342 -9.62 -22.63 -26.73
C ALA A 342 -9.01 -23.31 -25.50
N ALA A 343 -8.83 -22.54 -24.44
CA ALA A 343 -8.25 -23.07 -23.20
C ALA A 343 -9.25 -23.92 -22.44
N LEU A 344 -10.53 -23.67 -22.66
CA LEU A 344 -11.59 -24.48 -22.05
C LEU A 344 -11.57 -25.89 -22.62
N ARG A 345 -11.07 -26.01 -23.84
CA ARG A 345 -11.00 -27.29 -24.55
C ARG A 345 -9.87 -28.16 -24.00
N HIS A 346 -9.00 -27.57 -23.21
CA HIS A 346 -7.84 -28.29 -22.67
C HIS A 346 -8.30 -29.49 -21.84
N PRO A 347 -7.61 -30.63 -21.99
CA PRO A 347 -7.94 -31.87 -21.28
C PRO A 347 -7.87 -31.72 -19.76
N PHE A 348 -7.24 -30.65 -19.30
CA PHE A 348 -7.16 -30.33 -17.86
C PHE A 348 -8.53 -30.27 -17.20
N LEU A 349 -9.56 -30.00 -18.00
CA LEU A 349 -10.94 -29.88 -17.52
C LEU A 349 -11.76 -31.18 -17.65
N ALA A 350 -11.11 -32.27 -18.06
CA ALA A 350 -11.79 -33.53 -18.40
C ALA A 350 -12.80 -33.99 -17.35
N LYS A 351 -12.50 -33.75 -16.08
CA LYS A 351 -13.46 -34.02 -15.01
C LYS A 351 -14.59 -33.00 -15.09
N TYR A 352 -14.23 -31.72 -15.25
CA TYR A 352 -15.19 -30.63 -15.18
C TYR A 352 -15.78 -30.13 -16.50
N HIS A 353 -15.27 -30.59 -17.64
CA HIS A 353 -15.63 -29.93 -18.89
C HIS A 353 -17.10 -30.13 -19.24
N ASP A 354 -17.80 -29.01 -19.36
CA ASP A 354 -19.24 -28.98 -19.61
C ASP A 354 -19.58 -27.83 -20.56
N PRO A 355 -19.49 -28.08 -21.87
CA PRO A 355 -19.73 -27.06 -22.90
C PRO A 355 -21.07 -26.31 -22.75
N ASP A 356 -22.02 -26.91 -22.06
CA ASP A 356 -23.32 -26.26 -21.81
C ASP A 356 -23.16 -25.03 -20.91
N ASP A 357 -22.18 -25.07 -20.02
CA ASP A 357 -21.97 -24.03 -19.02
C ASP A 357 -21.06 -22.91 -19.51
N GLU A 358 -20.74 -22.91 -20.80
CA GLU A 358 -19.89 -21.87 -21.36
C GLU A 358 -20.63 -21.03 -22.41
N PRO A 359 -21.54 -20.16 -21.94
CA PRO A 359 -22.33 -19.31 -22.84
C PRO A 359 -21.55 -18.11 -23.36
N ASP A 360 -22.07 -17.50 -24.42
CA ASP A 360 -21.56 -16.24 -24.92
C ASP A 360 -22.65 -15.19 -24.74
N CYS A 361 -22.25 -13.93 -24.62
CA CYS A 361 -23.23 -12.83 -24.55
C CYS A 361 -23.97 -12.79 -25.88
N ALA A 362 -25.31 -12.79 -25.83
CA ALA A 362 -26.07 -12.79 -27.07
C ALA A 362 -25.89 -11.49 -27.88
N PRO A 363 -26.09 -10.31 -27.27
CA PRO A 363 -25.60 -9.13 -27.99
C PRO A 363 -24.17 -8.76 -27.57
N PRO A 364 -23.55 -7.79 -28.27
CA PRO A 364 -22.33 -7.14 -27.76
C PRO A 364 -22.66 -6.12 -26.68
N PHE A 365 -21.65 -5.71 -25.93
CA PHE A 365 -21.84 -4.67 -24.92
C PHE A 365 -21.69 -3.29 -25.57
N ASP A 366 -22.76 -2.49 -25.51
CA ASP A 366 -22.72 -1.17 -26.12
C ASP A 366 -22.10 -0.14 -25.19
N PHE A 367 -21.06 0.51 -25.69
CA PHE A 367 -20.28 1.49 -24.95
C PHE A 367 -20.76 2.92 -25.13
N ALA A 368 -21.92 3.12 -25.76
CA ALA A 368 -22.23 4.34 -26.51
C ALA A 368 -21.62 5.63 -25.93
N PHE A 369 -21.99 5.98 -24.71
CA PHE A 369 -21.48 7.20 -24.09
C PHE A 369 -20.00 7.19 -23.70
N ASP A 370 -19.35 6.02 -23.82
CA ASP A 370 -17.95 5.80 -23.40
C ASP A 370 -17.04 7.04 -23.33
N ALA A 373 -14.74 16.24 -21.76
CA ALA A 373 -16.19 16.16 -21.91
C ALA A 373 -16.70 14.74 -21.70
N LEU A 374 -17.75 14.40 -22.43
CA LEU A 374 -18.43 13.10 -22.35
C LEU A 374 -18.72 12.52 -20.95
N THR A 375 -19.68 13.10 -20.22
CA THR A 375 -20.16 14.45 -20.50
C THR A 375 -20.07 15.37 -19.30
N ARG A 376 -21.05 15.20 -18.41
CA ARG A 376 -21.34 16.13 -17.30
C ARG A 376 -22.64 15.66 -16.67
N GLU A 377 -23.23 16.43 -15.75
CA GLU A 377 -24.34 15.98 -14.91
C GLU A 377 -25.46 15.23 -15.67
N ARG A 378 -25.45 15.32 -17.00
CA ARG A 378 -26.15 14.34 -17.83
C ARG A 378 -25.78 12.90 -17.43
N ILE A 379 -24.52 12.66 -17.06
CA ILE A 379 -24.16 11.34 -16.57
C ILE A 379 -24.84 11.07 -15.22
N LYS A 380 -24.94 12.10 -14.38
CA LYS A 380 -25.69 11.98 -13.13
C LYS A 380 -27.14 11.68 -13.48
N GLU A 381 -27.60 12.27 -14.60
CA GLU A 381 -28.95 12.05 -15.12
C GLU A 381 -29.07 10.75 -15.93
N ALA A 382 -27.98 10.34 -16.57
CA ALA A 382 -27.98 9.10 -17.35
C ALA A 382 -28.09 7.88 -16.44
N ILE A 383 -27.52 7.98 -15.24
CA ILE A 383 -27.60 6.90 -14.28
C ILE A 383 -29.05 6.69 -13.80
N VAL A 384 -29.87 7.73 -13.90
CA VAL A 384 -31.28 7.63 -13.52
C VAL A 384 -32.14 6.98 -14.61
N ALA A 385 -31.59 6.84 -15.81
CA ALA A 385 -32.25 6.07 -16.87
C ALA A 385 -32.32 4.62 -16.40
N GLU A 386 -31.18 4.12 -15.98
CA GLU A 386 -31.09 2.88 -15.20
C GLU A 386 -31.59 3.25 -13.80
N ILE A 387 -31.90 2.25 -12.98
CA ILE A 387 -32.63 2.39 -11.70
C ILE A 387 -34.11 2.65 -12.01
N GLU A 388 -34.35 3.04 -13.25
CA GLU A 388 -35.67 3.13 -13.84
C GLU A 388 -35.71 1.97 -14.82
N ASP A 389 -34.78 1.98 -15.77
CA ASP A 389 -34.63 0.88 -16.73
C ASP A 389 -34.62 -0.50 -16.06
N PHE A 390 -34.01 -0.60 -14.89
CA PHE A 390 -34.03 -1.83 -14.11
C PHE A 390 -35.45 -2.16 -13.67
N HIS A 391 -36.20 -1.13 -13.27
CA HIS A 391 -37.59 -1.28 -12.85
C HIS A 391 -38.56 -0.93 -13.97
N ALA A 392 -38.03 -0.65 -15.16
CA ALA A 392 -38.83 -0.22 -16.32
C ALA A 392 -39.62 1.06 -16.03
N LEU B 42 45.77 9.79 4.69
CA LEU B 42 44.91 9.30 3.63
C LEU B 42 43.65 10.16 3.55
N LYS B 43 43.69 11.30 4.21
CA LYS B 43 42.54 12.18 4.28
C LYS B 43 42.83 13.57 3.72
N ALA B 44 41.77 14.29 3.38
CA ALA B 44 41.91 15.62 2.78
C ALA B 44 41.11 16.66 3.55
N ARG B 45 41.05 17.86 2.99
CA ARG B 45 40.46 19.02 3.66
C ARG B 45 39.88 19.87 2.51
N SER B 46 39.23 21.03 2.76
CA SER B 46 38.90 21.59 4.07
C SER B 46 37.45 22.04 4.22
N PHE B 47 37.09 23.11 3.49
CA PHE B 47 35.90 23.91 3.77
C PHE B 47 34.89 23.73 2.63
N ASP B 48 33.59 23.96 2.89
CA ASP B 48 33.07 24.47 4.17
C ASP B 48 31.99 23.56 4.74
N VAL B 49 32.05 23.33 6.05
CA VAL B 49 33.08 23.89 6.91
C VAL B 49 34.21 22.87 7.07
N THR B 50 35.18 23.12 7.94
CA THR B 50 36.30 22.21 8.09
C THR B 50 35.85 20.81 8.48
N PHE B 51 36.21 19.85 7.65
CA PHE B 51 36.16 18.44 7.99
C PHE B 51 37.16 17.63 7.16
N ASP B 52 37.70 16.56 7.77
CA ASP B 52 38.60 15.67 7.06
C ASP B 52 37.77 14.53 6.51
N VAL B 53 37.63 14.46 5.18
CA VAL B 53 36.76 13.46 4.60
C VAL B 53 37.37 12.07 4.65
N GLY B 54 38.61 11.93 4.18
CA GLY B 54 39.15 10.62 3.85
C GLY B 54 38.10 10.01 2.92
N ASP B 55 37.67 10.72 1.86
CA ASP B 55 38.43 11.40 0.78
C ASP B 55 38.48 10.49 -0.44
N GLU B 56 37.92 9.29 -0.30
CA GLU B 56 37.40 8.56 -1.46
C GLU B 56 36.26 9.41 -1.99
N TYR B 57 35.40 9.86 -1.09
CA TYR B 57 34.35 10.82 -1.40
C TYR B 57 34.95 12.22 -1.39
N GLU B 58 34.68 13.00 -2.42
CA GLU B 58 35.01 14.43 -2.42
C GLU B 58 33.98 15.21 -3.23
N ILE B 59 33.88 16.51 -2.96
CA ILE B 59 32.81 17.35 -3.48
C ILE B 59 31.47 16.68 -3.21
N ILE B 60 30.97 16.63 -1.96
CA ILE B 60 31.26 17.46 -0.76
C ILE B 60 30.48 18.79 -0.64
N GLU B 61 29.63 19.07 -1.62
CA GLU B 61 28.70 20.20 -1.52
C GLU B 61 27.78 20.03 -0.30
N THR B 62 27.65 21.10 0.49
CA THR B 62 26.86 21.07 1.72
C THR B 62 25.35 21.14 1.46
N ILE B 63 24.62 20.13 1.91
CA ILE B 63 23.17 20.13 1.80
C ILE B 63 22.48 20.93 2.90
N GLY B 64 23.01 20.84 4.12
CA GLY B 64 22.37 21.48 5.26
C GLY B 64 23.08 21.36 6.59
N ASN B 65 22.41 21.85 7.62
CA ASN B 65 22.97 21.95 8.96
C ASN B 65 21.95 21.48 9.99
N GLY B 66 22.43 21.13 11.18
CA GLY B 66 21.54 20.61 12.21
C GLY B 66 22.00 20.88 13.63
N ALA B 67 21.18 20.47 14.58
CA ALA B 67 21.49 20.64 15.99
C ALA B 67 22.68 19.77 16.39
N TYR B 68 22.64 18.50 16.04
CA TYR B 68 23.72 17.60 16.41
C TYR B 68 24.75 17.35 15.30
N GLY B 69 24.51 17.91 14.12
CA GLY B 69 25.39 17.62 12.99
C GLY B 69 25.34 18.55 11.80
N VAL B 70 26.19 18.26 10.83
CA VAL B 70 26.20 18.98 9.55
C VAL B 70 26.28 17.96 8.41
N VAL B 71 25.44 18.14 7.40
CA VAL B 71 25.34 17.15 6.32
C VAL B 71 25.82 17.71 4.98
N SER B 72 26.57 16.89 4.25
CA SER B 72 27.02 17.26 2.91
C SER B 72 26.81 16.10 1.94
N SER B 73 26.48 16.43 0.69
CA SER B 73 26.35 15.41 -0.34
C SER B 73 27.73 15.11 -0.90
N ALA B 74 28.04 13.83 -1.09
CA ALA B 74 29.36 13.46 -1.57
C ALA B 74 29.31 12.43 -2.68
N ARG B 75 30.41 12.30 -3.42
CA ARG B 75 30.49 11.36 -4.51
C ARG B 75 31.67 10.40 -4.32
N ARG B 76 31.34 9.13 -4.15
CA ARG B 76 32.32 8.06 -3.96
C ARG B 76 32.97 7.66 -5.27
N ARG B 77 34.30 7.54 -5.25
CA ARG B 77 35.08 7.16 -6.43
C ARG B 77 34.91 5.69 -6.81
N LEU B 78 34.41 4.90 -5.87
CA LEU B 78 34.19 3.47 -6.06
C LEU B 78 33.09 3.14 -7.08
N THR B 79 32.46 4.19 -7.62
CA THR B 79 31.29 4.11 -8.52
C THR B 79 29.95 4.07 -7.78
N GLY B 80 30.00 4.11 -6.45
CA GLY B 80 28.79 4.15 -5.63
C GLY B 80 27.96 5.42 -5.76
N GLN B 81 28.45 6.36 -6.57
CA GLN B 81 27.76 7.63 -6.84
C GLN B 81 27.51 8.50 -5.60
N GLN B 82 26.31 9.05 -5.49
CA GLN B 82 26.02 10.07 -4.49
C GLN B 82 25.57 9.50 -3.14
N VAL B 83 26.21 9.96 -2.08
CA VAL B 83 25.88 9.55 -0.72
C VAL B 83 25.78 10.76 0.19
N ALA B 84 25.15 10.58 1.35
CA ALA B 84 25.01 11.66 2.32
C ALA B 84 25.94 11.44 3.51
N ILE B 85 26.79 12.42 3.78
CA ILE B 85 27.73 12.35 4.88
C ILE B 85 27.37 13.34 5.98
N LYS B 86 27.16 12.82 7.20
CA LYS B 86 26.86 13.68 8.33
C LYS B 86 28.02 13.72 9.31
N LYS B 87 28.65 14.88 9.42
CA LYS B 87 29.68 15.10 10.42
C LYS B 87 29.01 15.50 11.73
N ILE B 88 29.55 15.03 12.84
CA ILE B 88 29.01 15.41 14.14
C ILE B 88 29.99 16.38 14.81
N PRO B 89 29.63 17.68 14.84
CA PRO B 89 30.42 18.67 15.59
C PRO B 89 30.23 18.46 17.08
N ASN B 90 31.28 18.74 17.85
CA ASN B 90 31.26 18.51 19.29
C ASN B 90 30.89 17.06 19.58
N ALA B 91 29.75 16.90 20.26
CA ALA B 91 29.19 15.61 20.66
C ALA B 91 29.98 14.98 21.81
N PHE B 92 31.19 15.46 22.02
CA PHE B 92 31.99 15.03 23.15
C PHE B 92 31.89 16.09 24.25
N ASP B 93 31.16 17.16 23.95
CA ASP B 93 31.03 18.30 24.84
C ASP B 93 30.33 17.97 26.15
N VAL B 94 29.28 17.15 26.07
CA VAL B 94 28.53 16.75 27.26
C VAL B 94 28.39 15.24 27.35
N VAL B 95 28.09 14.75 28.55
CA VAL B 95 27.79 13.35 28.77
C VAL B 95 26.56 12.96 27.96
N THR B 96 25.57 13.84 27.96
CA THR B 96 24.31 13.60 27.25
C THR B 96 24.53 13.60 25.74
N ASN B 97 25.29 14.55 25.24
CA ASN B 97 25.60 14.63 23.82
C ASN B 97 26.46 13.45 23.36
N ALA B 98 27.27 12.92 24.27
CA ALA B 98 28.11 11.78 23.98
C ALA B 98 27.33 10.47 23.96
N LYS B 99 26.47 10.29 24.96
CA LYS B 99 25.65 9.08 25.07
C LYS B 99 24.61 9.05 23.95
N ARG B 100 24.18 10.22 23.50
CA ARG B 100 23.19 10.32 22.43
C ARG B 100 23.70 9.73 21.12
N THR B 101 24.93 10.09 20.75
CA THR B 101 25.49 9.66 19.47
C THR B 101 26.10 8.25 19.55
N LEU B 102 26.21 7.71 20.76
CA LEU B 102 26.58 6.31 20.94
C LEU B 102 25.36 5.48 20.57
N ARG B 103 24.21 5.91 21.08
CA ARG B 103 22.93 5.30 20.79
C ARG B 103 22.67 5.34 19.29
N GLU B 104 22.82 6.53 18.72
CA GLU B 104 22.56 6.76 17.30
C GLU B 104 23.45 5.88 16.41
N LEU B 105 24.69 5.68 16.83
CA LEU B 105 25.64 4.88 16.07
C LEU B 105 25.18 3.41 16.03
N LYS B 106 24.91 2.86 17.20
CA LYS B 106 24.44 1.49 17.32
C LYS B 106 23.08 1.28 16.68
N ILE B 107 22.25 2.32 16.72
CA ILE B 107 20.87 2.20 16.27
C ILE B 107 20.77 2.25 14.73
N LEU B 108 21.73 2.91 14.09
CA LEU B 108 21.77 2.93 12.62
C LEU B 108 22.37 1.63 12.11
N LYS B 109 23.30 1.08 12.88
CA LYS B 109 23.97 -0.16 12.54
C LYS B 109 23.02 -1.35 12.59
N HIS B 110 22.07 -1.32 13.53
CA HIS B 110 21.24 -2.48 13.82
C HIS B 110 20.16 -2.76 12.78
N PHE B 111 19.71 -1.71 12.09
CA PHE B 111 18.56 -1.84 11.20
C PHE B 111 18.92 -1.94 9.72
N LYS B 112 18.62 -3.09 9.12
CA LYS B 112 18.66 -3.19 7.67
C LYS B 112 17.24 -3.36 7.17
N HIS B 113 16.68 -2.29 6.65
CA HIS B 113 15.39 -2.28 5.99
C HIS B 113 15.39 -1.09 5.05
N ASP B 114 14.68 -1.19 3.93
CA ASP B 114 14.72 -0.17 2.89
C ASP B 114 14.20 1.18 3.36
N ASN B 115 13.16 1.14 4.18
CA ASN B 115 12.44 2.35 4.59
C ASN B 115 12.97 3.03 5.85
N ILE B 116 14.06 2.52 6.41
CA ILE B 116 14.74 3.18 7.51
C ILE B 116 16.17 3.54 7.16
N ILE B 117 16.58 4.76 7.45
CA ILE B 117 17.92 5.20 7.15
C ILE B 117 18.93 4.31 7.88
N ALA B 118 20.00 3.95 7.16
CA ALA B 118 21.04 3.10 7.72
C ALA B 118 22.40 3.58 7.27
N ILE B 119 23.44 2.83 7.61
CA ILE B 119 24.80 3.26 7.39
C ILE B 119 25.44 2.57 6.19
N LYS B 120 25.78 3.34 5.17
CA LYS B 120 26.52 2.83 4.03
C LYS B 120 27.96 2.60 4.48
N ASP B 121 28.51 3.59 5.17
CA ASP B 121 29.81 3.46 5.83
C ASP B 121 29.85 4.41 7.02
N ILE B 122 30.65 4.07 8.01
CA ILE B 122 30.98 5.02 9.05
C ILE B 122 32.51 5.08 9.04
N LEU B 123 33.03 6.23 8.63
CA LEU B 123 34.47 6.37 8.52
C LEU B 123 35.02 6.85 9.85
N ARG B 124 35.86 6.02 10.44
CA ARG B 124 36.55 6.39 11.66
C ARG B 124 37.37 7.62 11.31
N PRO B 125 37.05 8.74 11.94
CA PRO B 125 37.66 10.03 11.60
C PRO B 125 39.15 9.99 11.89
N THR B 126 39.97 10.36 10.90
CA THR B 126 41.33 10.85 11.15
C THR B 126 41.93 10.11 12.33
N VAL B 127 42.23 8.83 12.14
CA VAL B 127 42.17 7.82 13.21
C VAL B 127 42.64 8.14 14.65
N PRO B 128 43.85 8.70 14.83
CA PRO B 128 44.47 8.66 16.17
C PRO B 128 43.60 9.10 17.34
N TYR B 129 43.62 8.28 18.41
CA TYR B 129 42.75 8.42 19.57
C TYR B 129 42.89 9.80 20.21
N GLY B 130 44.08 10.16 20.66
CA GLY B 130 44.33 11.53 21.06
C GLY B 130 43.98 12.34 19.85
N GLU B 131 43.16 13.38 20.04
CA GLU B 131 42.61 14.22 18.96
C GLU B 131 41.33 13.73 18.28
N PHE B 132 40.75 12.59 18.70
CA PHE B 132 39.56 12.14 18.01
C PHE B 132 38.38 12.84 18.68
N LYS B 133 37.90 13.88 18.00
CA LYS B 133 36.83 14.76 18.50
C LYS B 133 35.44 14.66 17.85
N SER B 134 35.33 13.88 16.78
CA SER B 134 34.13 13.89 15.95
C SER B 134 34.05 12.58 15.18
N VAL B 135 32.90 12.28 14.57
CA VAL B 135 32.77 11.11 13.70
C VAL B 135 32.00 11.47 12.42
N TYR B 136 32.17 10.67 11.38
CA TYR B 136 31.47 10.91 10.12
C TYR B 136 30.70 9.67 9.67
N VAL B 137 29.37 9.77 9.66
CA VAL B 137 28.55 8.68 9.18
C VAL B 137 28.19 8.88 7.71
N VAL B 138 28.26 7.82 6.92
CA VAL B 138 27.87 7.91 5.52
C VAL B 138 26.53 7.22 5.30
N LEU B 139 25.58 7.98 4.77
CA LEU B 139 24.24 7.49 4.52
C LEU B 139 23.91 7.71 3.05
N ASP B 140 22.87 7.05 2.55
CA ASP B 140 22.41 7.28 1.19
C ASP B 140 21.87 8.70 1.04
N LEU B 141 22.01 9.27 -0.16
CA LEU B 141 21.55 10.63 -0.38
C LEU B 141 20.05 10.68 -0.64
N MET B 142 19.33 11.38 0.23
CA MET B 142 17.89 11.60 0.05
C MET B 142 17.68 13.07 -0.31
N GLU B 143 17.12 13.31 -1.48
CA GLU B 143 17.03 14.65 -2.05
C GLU B 143 16.16 15.62 -1.26
N SER B 144 15.19 15.10 -0.52
CA SER B 144 14.24 15.94 0.19
C SER B 144 13.57 15.19 1.34
N ASP B 145 12.70 15.88 2.07
CA ASP B 145 11.88 15.25 3.10
C ASP B 145 10.40 15.52 2.84
N LEU B 146 9.55 15.01 3.71
CA LEU B 146 8.10 15.06 3.48
C LEU B 146 7.48 16.40 3.87
N HIS B 147 8.24 17.22 4.61
CA HIS B 147 7.73 18.51 5.06
C HIS B 147 7.75 19.54 3.94
N GLN B 148 8.73 19.44 3.06
CA GLN B 148 8.90 20.39 1.96
C GLN B 148 7.72 20.33 0.99
N ILE B 149 7.32 19.10 0.65
CA ILE B 149 6.28 18.86 -0.34
C ILE B 149 4.88 18.64 0.26
N ILE B 150 4.78 18.75 1.57
CA ILE B 150 3.57 18.40 2.31
C ILE B 150 2.29 19.16 1.93
N HIS B 151 2.45 20.44 1.63
CA HIS B 151 1.34 21.36 1.38
C HIS B 151 1.21 21.61 -0.13
N SER B 152 0.18 22.33 -0.61
CA SER B 152 -1.06 22.70 0.08
C SER B 152 -2.21 22.60 -0.93
N SER B 153 -3.32 21.99 -0.53
CA SER B 153 -4.46 21.68 -1.41
C SER B 153 -4.08 20.66 -2.50
N GLN B 154 -2.80 20.34 -2.52
CA GLN B 154 -2.16 19.55 -3.55
C GLN B 154 -0.77 19.22 -3.00
N PRO B 155 0.10 18.57 -3.79
CA PRO B 155 -0.09 17.74 -4.99
C PRO B 155 -0.11 16.26 -4.67
N LEU B 156 -1.03 15.80 -3.84
CA LEU B 156 -1.07 14.38 -3.50
C LEU B 156 -2.42 13.76 -3.80
N THR B 157 -2.45 12.86 -4.78
CA THR B 157 -3.63 12.06 -5.04
C THR B 157 -3.74 11.03 -3.92
N LEU B 158 -4.81 10.24 -3.95
CA LEU B 158 -4.93 9.14 -3.01
C LEU B 158 -3.78 8.18 -3.30
N GLU B 159 -3.54 7.93 -4.58
CA GLU B 159 -2.48 7.04 -5.03
C GLU B 159 -1.08 7.45 -4.58
N HIS B 160 -0.89 8.74 -4.37
CA HIS B 160 0.40 9.26 -3.93
C HIS B 160 0.65 8.97 -2.46
N VAL B 161 -0.37 9.18 -1.63
CA VAL B 161 -0.26 8.88 -0.22
C VAL B 161 -0.41 7.37 0.00
N ARG B 162 -1.03 6.73 -0.98
CA ARG B 162 -1.20 5.29 -1.02
C ARG B 162 0.13 4.55 -0.89
N TYR B 163 1.09 4.95 -1.73
CA TYR B 163 2.41 4.33 -1.79
C TYR B 163 3.32 4.80 -0.67
N PHE B 164 3.16 6.06 -0.26
CA PHE B 164 3.98 6.65 0.79
C PHE B 164 3.83 5.97 2.14
N LEU B 165 2.60 5.92 2.63
CA LEU B 165 2.31 5.42 3.97
C LEU B 165 2.67 3.95 4.12
N TYR B 166 2.57 3.23 3.02
CA TYR B 166 2.92 1.81 3.01
C TYR B 166 4.39 1.63 3.35
N GLN B 167 5.22 2.56 2.89
CA GLN B 167 6.64 2.57 3.25
C GLN B 167 6.82 3.11 4.65
N LEU B 168 6.02 4.10 5.00
CA LEU B 168 5.99 4.67 6.34
C LEU B 168 5.72 3.57 7.37
N LEU B 169 4.70 2.77 7.09
CA LEU B 169 4.24 1.74 8.01
C LEU B 169 5.16 0.52 8.03
N ARG B 170 5.70 0.16 6.87
CA ARG B 170 6.66 -0.93 6.78
C ARG B 170 7.89 -0.63 7.62
N GLY B 171 8.34 0.62 7.55
CA GLY B 171 9.51 1.06 8.30
C GLY B 171 9.28 0.98 9.80
N LEU B 172 8.06 1.30 10.23
CA LEU B 172 7.70 1.22 11.64
C LEU B 172 7.68 -0.23 12.14
N LYS B 173 7.05 -1.10 11.37
CA LYS B 173 6.91 -2.51 11.75
C LYS B 173 8.25 -3.17 12.01
N TYR B 174 9.18 -2.98 11.08
CA TYR B 174 10.53 -3.51 11.22
C TYR B 174 11.18 -2.91 12.46
N MET B 175 10.99 -1.61 12.65
CA MET B 175 11.61 -0.88 13.73
C MET B 175 11.03 -1.30 15.08
N HIS B 176 9.72 -1.45 15.16
CA HIS B 176 9.04 -1.82 16.40
C HIS B 176 9.35 -3.23 16.85
N SER B 177 9.47 -4.15 15.88
CA SER B 177 9.84 -5.54 16.16
C SER B 177 11.22 -5.62 16.81
N ALA B 178 12.01 -4.58 16.64
CA ALA B 178 13.34 -4.49 17.21
C ALA B 178 13.29 -3.86 18.59
N GLN B 179 12.06 -3.62 19.07
CA GLN B 179 11.79 -2.97 20.36
C GLN B 179 12.00 -1.45 20.34
N VAL B 180 12.44 -0.96 19.19
CA VAL B 180 12.75 0.45 18.95
C VAL B 180 11.54 1.21 18.34
N ILE B 181 10.98 2.16 19.09
CA ILE B 181 10.00 3.14 18.60
C ILE B 181 10.79 4.28 17.94
N HIS B 182 10.19 5.07 17.04
CA HIS B 182 10.83 6.31 16.60
C HIS B 182 10.61 7.44 17.63
N ARG B 183 9.41 7.47 18.21
CA ARG B 183 9.01 8.27 19.41
C ARG B 183 8.76 9.78 19.20
N ASP B 184 9.31 10.36 18.15
CA ASP B 184 8.84 11.65 17.68
C ASP B 184 8.78 11.64 16.16
N LEU B 185 7.58 11.63 15.60
CA LEU B 185 7.44 11.44 14.15
C LEU B 185 6.81 12.64 13.45
N LYS B 186 7.58 13.27 12.58
CA LYS B 186 7.14 14.42 11.83
C LYS B 186 7.42 14.17 10.36
N PRO B 187 6.75 14.91 9.46
CA PRO B 187 7.07 14.81 8.04
C PRO B 187 8.54 15.11 7.75
N SER B 188 9.15 15.93 8.60
CA SER B 188 10.57 16.25 8.46
C SER B 188 11.47 15.03 8.72
N ASN B 189 10.92 14.02 9.40
CA ASN B 189 11.67 12.80 9.67
C ASN B 189 11.45 11.74 8.60
N LEU B 190 10.63 12.05 7.60
CA LEU B 190 10.40 11.13 6.50
C LEU B 190 11.16 11.60 5.26
N LEU B 191 12.23 10.90 4.93
CA LEU B 191 13.09 11.30 3.85
C LEU B 191 12.44 10.96 2.52
N VAL B 192 12.26 11.95 1.65
CA VAL B 192 11.64 11.69 0.37
C VAL B 192 12.60 11.71 -0.83
N ASN B 193 12.52 10.67 -1.64
CA ASN B 193 13.39 10.51 -2.79
C ASN B 193 12.30 10.14 -3.80
N GLU B 194 12.07 10.99 -4.83
CA GLU B 194 10.82 11.15 -5.67
C GLU B 194 10.32 10.32 -7.04
N ASN B 195 10.98 9.30 -7.67
CA ASN B 195 12.10 8.59 -7.08
C ASN B 195 10.78 8.11 -6.22
N CYS B 196 10.45 8.50 -4.98
CA CYS B 196 9.16 8.23 -4.22
C CYS B 196 9.25 7.09 -3.21
N GLU B 197 10.40 6.45 -3.20
CA GLU B 197 10.86 5.66 -2.07
C GLU B 197 11.00 6.52 -0.81
N LEU B 198 10.69 5.94 0.33
CA LEU B 198 10.58 6.68 1.58
C LEU B 198 11.46 6.10 2.70
N LYS B 199 12.21 6.98 3.38
CA LYS B 199 13.10 6.54 4.45
C LYS B 199 12.78 7.28 5.76
N ILE B 200 12.88 6.57 6.88
CA ILE B 200 12.55 7.16 8.18
C ILE B 200 13.77 7.80 8.84
N GLY B 201 13.70 9.12 9.02
CA GLY B 201 14.82 9.88 9.53
C GLY B 201 14.82 10.07 11.03
N ASP B 202 15.99 10.42 11.56
CA ASP B 202 16.29 10.54 12.98
C ASP B 202 15.90 9.26 13.75
N PHE B 203 15.56 9.41 15.03
CA PHE B 203 15.21 8.30 15.92
C PHE B 203 14.80 8.75 17.33
N GLY B 204 14.60 7.78 18.22
CA GLY B 204 14.32 8.07 19.61
C GLY B 204 15.34 8.96 20.30
N MET B 205 14.90 9.66 21.35
CA MET B 205 15.77 10.57 22.10
C MET B 205 15.37 10.64 23.57
N THR B 221 12.67 19.63 27.21
CA THR B 221 11.65 20.09 28.15
C THR B 221 11.14 21.47 27.76
N GLU B 222 11.90 22.51 28.09
CA GLU B 222 11.61 23.87 27.63
C GLU B 222 10.12 24.36 27.89
N TYR B 223 9.20 24.58 26.93
CA TYR B 223 9.32 24.52 25.48
C TYR B 223 8.63 25.67 24.75
N VAL B 224 7.30 25.61 24.76
CA VAL B 224 6.42 26.28 23.81
C VAL B 224 6.58 25.66 22.41
N ALA B 225 7.49 24.69 22.30
CA ALA B 225 7.83 24.06 21.04
C ALA B 225 6.68 23.25 20.46
N THR B 226 6.73 23.04 19.14
CA THR B 226 5.64 22.38 18.45
C THR B 226 5.98 20.98 17.94
N ARG B 227 5.20 20.02 18.40
CA ARG B 227 5.04 18.75 17.71
C ARG B 227 3.54 18.49 17.69
N TRP B 228 2.95 18.54 16.50
CA TRP B 228 1.51 18.39 16.35
C TRP B 228 1.18 16.96 15.98
N TYR B 229 2.22 16.16 15.74
CA TYR B 229 2.07 14.78 15.33
C TYR B 229 2.24 13.79 16.49
N ARG B 230 2.53 14.31 17.68
CA ARG B 230 2.76 13.45 18.84
C ARG B 230 1.45 12.99 19.50
N ALA B 231 1.44 11.73 19.94
CA ALA B 231 0.25 11.12 20.52
C ALA B 231 -0.18 11.73 21.85
N PRO B 232 -1.50 11.76 22.11
CA PRO B 232 -2.08 12.32 23.34
C PRO B 232 -1.60 11.63 24.63
N GLU B 233 -1.06 10.42 24.54
CA GLU B 233 -0.49 9.79 25.72
C GLU B 233 0.95 10.24 25.98
N LEU B 234 1.60 10.75 24.95
CA LEU B 234 2.97 11.25 25.10
C LEU B 234 2.96 12.61 25.77
N MET B 235 2.16 13.52 25.23
CA MET B 235 1.89 14.79 25.90
C MET B 235 0.88 14.48 26.99
N LEU B 236 0.87 15.28 28.05
CA LEU B 236 -0.09 15.16 29.16
C LEU B 236 0.05 13.86 29.96
N SER B 237 0.78 12.89 29.41
CA SER B 237 0.84 11.53 29.96
C SER B 237 -0.53 11.03 30.43
N LEU B 238 -1.45 10.86 29.48
CA LEU B 238 -2.82 10.40 29.78
C LEU B 238 -2.73 9.07 30.52
N HIS B 239 -2.09 8.12 29.87
CA HIS B 239 -1.78 6.83 30.49
C HIS B 239 -0.59 6.16 29.81
N GLU B 240 -0.39 4.88 30.10
CA GLU B 240 0.72 4.11 29.54
C GLU B 240 0.74 4.14 28.01
N TYR B 241 1.93 4.10 27.44
CA TYR B 241 2.09 4.14 25.99
C TYR B 241 2.65 2.83 25.42
N THR B 242 2.39 2.60 24.14
CA THR B 242 2.89 1.41 23.45
C THR B 242 3.53 1.79 22.12
N GLN B 243 3.89 0.77 21.34
CA GLN B 243 4.50 0.98 20.02
C GLN B 243 3.54 1.68 19.05
N ALA B 244 2.26 1.73 19.41
CA ALA B 244 1.26 2.38 18.59
C ALA B 244 1.36 3.90 18.66
N ILE B 245 2.26 4.38 19.53
CA ILE B 245 2.46 5.82 19.70
C ILE B 245 2.95 6.47 18.41
N ASP B 246 3.69 5.73 17.60
CA ASP B 246 4.20 6.24 16.33
C ASP B 246 3.12 6.20 15.26
N LEU B 247 2.09 5.40 15.49
CA LEU B 247 1.02 5.25 14.51
C LEU B 247 0.10 6.45 14.52
N TRP B 248 -0.07 7.05 15.69
CA TRP B 248 -0.85 8.26 15.82
C TRP B 248 -0.27 9.32 14.88
N SER B 249 1.05 9.42 14.88
CA SER B 249 1.75 10.37 14.03
C SER B 249 1.44 10.11 12.56
N VAL B 250 1.54 8.84 12.15
CA VAL B 250 1.27 8.46 10.78
C VAL B 250 -0.14 8.85 10.36
N GLY B 251 -1.09 8.72 11.28
CA GLY B 251 -2.45 9.15 11.03
C GLY B 251 -2.56 10.67 10.91
N CYS B 252 -1.75 11.39 11.67
CA CYS B 252 -1.75 12.85 11.66
C CYS B 252 -1.08 13.39 10.39
N ILE B 253 -0.10 12.64 9.89
CA ILE B 253 0.55 12.97 8.62
C ILE B 253 -0.35 12.54 7.47
N PHE B 254 -1.04 11.42 7.66
CA PHE B 254 -2.02 10.89 6.72
C PHE B 254 -3.02 11.99 6.37
N GLY B 255 -3.63 12.56 7.40
CA GLY B 255 -4.63 13.60 7.22
C GLY B 255 -4.05 14.82 6.53
N GLU B 256 -2.77 15.11 6.80
CA GLU B 256 -2.15 16.30 6.25
C GLU B 256 -1.94 16.22 4.74
N MET B 257 -1.56 15.06 4.23
CA MET B 257 -1.46 14.87 2.79
C MET B 257 -2.85 14.93 2.19
N LEU B 258 -3.78 14.23 2.84
CA LEU B 258 -5.16 14.15 2.38
C LEU B 258 -5.94 15.47 2.49
N ALA B 259 -6.01 16.01 3.71
CA ALA B 259 -6.82 17.19 3.95
C ALA B 259 -6.04 18.47 3.67
N ARG B 260 -4.77 18.29 3.28
CA ARG B 260 -3.93 19.40 2.82
C ARG B 260 -3.53 20.39 3.91
N ARG B 261 -4.07 20.23 5.11
CA ARG B 261 -3.74 21.11 6.22
C ARG B 261 -3.36 20.32 7.46
N GLN B 262 -2.67 20.97 8.39
CA GLN B 262 -2.26 20.30 9.62
C GLN B 262 -3.45 20.04 10.53
N LEU B 263 -3.55 18.80 11.01
CA LEU B 263 -4.73 18.37 11.74
C LEU B 263 -4.98 19.12 13.05
N PHE B 264 -4.05 19.03 14.00
CA PHE B 264 -4.20 19.79 15.24
C PHE B 264 -3.07 20.79 15.48
N PRO B 265 -3.33 22.09 15.27
CA PRO B 265 -2.50 23.16 15.83
C PRO B 265 -2.90 23.40 17.28
N GLY B 266 -2.01 23.95 18.09
CA GLY B 266 -2.35 24.30 19.46
C GLY B 266 -1.42 25.34 20.04
N LYS B 267 -1.92 26.10 21.00
CA LYS B 267 -1.11 27.10 21.68
C LYS B 267 -0.26 26.39 22.72
N ASN B 268 -0.88 25.42 23.38
CA ASN B 268 -0.21 24.55 24.33
C ASN B 268 -1.02 23.27 24.43
N TYR B 269 -0.74 22.44 25.43
CA TYR B 269 -1.53 21.23 25.67
C TYR B 269 -3.02 21.53 25.81
N VAL B 270 -3.32 22.75 26.25
CA VAL B 270 -4.70 23.21 26.42
C VAL B 270 -5.50 23.23 25.10
N HIS B 271 -5.01 23.98 24.12
CA HIS B 271 -5.76 24.15 22.88
C HIS B 271 -5.63 22.94 21.97
N GLN B 272 -4.48 22.28 22.03
CA GLN B 272 -4.22 21.09 21.25
C GLN B 272 -5.25 20.00 21.55
N LEU B 273 -5.42 19.72 22.83
CA LEU B 273 -6.37 18.69 23.29
C LEU B 273 -7.78 18.94 22.76
N GLN B 274 -8.28 20.16 22.96
CA GLN B 274 -9.62 20.53 22.52
C GLN B 274 -9.73 20.41 21.00
N LEU B 275 -8.66 20.77 20.30
CA LEU B 275 -8.58 20.63 18.86
C LEU B 275 -8.64 19.17 18.47
N ILE B 276 -7.90 18.35 19.20
CA ILE B 276 -7.93 16.90 19.02
C ILE B 276 -9.33 16.38 19.32
N MET B 277 -10.03 17.01 20.27
CA MET B 277 -11.34 16.52 20.70
C MET B 277 -12.41 16.60 19.60
N MET B 278 -12.35 17.64 18.77
CA MET B 278 -13.33 17.86 17.72
C MET B 278 -13.55 16.60 16.87
N VAL B 279 -12.45 16.01 16.43
CA VAL B 279 -12.48 14.86 15.53
C VAL B 279 -12.79 13.53 16.25
N LEU B 280 -12.12 13.27 17.37
CA LEU B 280 -12.29 12.02 18.11
C LEU B 280 -13.21 12.11 19.32
N GLY B 281 -13.81 13.29 19.56
CA GLY B 281 -14.85 13.43 20.59
C GLY B 281 -14.41 13.14 22.00
N THR B 282 -15.38 13.12 22.91
CA THR B 282 -15.13 12.81 24.29
C THR B 282 -15.33 11.32 24.50
N PRO B 283 -14.25 10.59 24.72
CA PRO B 283 -14.44 9.21 25.16
C PRO B 283 -14.94 9.15 26.61
N SER B 284 -16.03 8.44 26.86
CA SER B 284 -16.22 7.83 28.19
C SER B 284 -16.73 6.36 28.17
N PRO B 285 -16.07 5.51 27.34
CA PRO B 285 -15.78 4.10 27.56
C PRO B 285 -14.60 3.91 28.48
N ALA B 286 -14.06 2.70 28.49
CA ALA B 286 -12.90 2.33 29.29
C ALA B 286 -11.69 3.26 29.13
N VAL B 287 -11.69 4.09 28.08
CA VAL B 287 -10.69 5.14 27.88
C VAL B 287 -10.47 5.94 29.16
N ILE B 288 -11.53 6.62 29.61
CA ILE B 288 -11.57 7.14 30.97
C ILE B 288 -11.53 5.95 31.91
N GLN B 289 -10.80 6.11 33.02
CA GLN B 289 -10.46 5.04 33.96
C GLN B 289 -9.30 4.15 33.49
N ALA B 290 -8.89 4.30 32.23
CA ALA B 290 -7.61 3.75 31.80
C ALA B 290 -6.53 4.81 31.97
N VAL B 291 -6.97 6.05 32.22
CA VAL B 291 -6.08 7.21 32.29
C VAL B 291 -5.35 7.33 33.63
N GLY B 292 -4.21 8.01 33.60
CA GLY B 292 -3.47 8.29 34.82
C GLY B 292 -4.25 9.19 35.76
N ALA B 293 -5.05 10.09 35.17
CA ALA B 293 -5.98 10.95 35.88
C ALA B 293 -5.21 11.76 36.98
N GLU B 294 -5.72 12.09 38.19
CA GLU B 294 -7.14 12.28 38.56
C GLU B 294 -7.79 13.43 37.79
N ARG B 295 -7.06 14.52 37.61
CA ARG B 295 -7.60 15.69 36.92
C ARG B 295 -7.83 15.43 35.43
N VAL B 296 -7.04 14.52 34.85
CA VAL B 296 -7.17 14.18 33.44
C VAL B 296 -8.53 13.55 33.14
N ARG B 297 -8.88 12.53 33.92
CA ARG B 297 -10.17 11.88 33.77
C ARG B 297 -11.30 12.85 34.07
N ALA B 298 -11.07 13.74 35.03
CA ALA B 298 -12.08 14.72 35.42
C ALA B 298 -12.40 15.68 34.28
N TYR B 299 -11.39 16.05 33.50
CA TYR B 299 -11.57 16.98 32.39
C TYR B 299 -12.46 16.41 31.29
N ILE B 300 -12.24 15.14 30.96
CA ILE B 300 -13.00 14.47 29.92
C ILE B 300 -14.45 14.27 30.34
N GLN B 301 -14.66 13.95 31.61
CA GLN B 301 -16.00 13.72 32.15
C GLN B 301 -16.77 15.03 32.34
N SER B 302 -16.08 16.06 32.85
CA SER B 302 -16.70 17.36 33.07
C SER B 302 -17.05 17.99 31.74
N LEU B 303 -16.27 17.67 30.71
CA LEU B 303 -16.60 18.05 29.36
C LEU B 303 -17.95 17.46 28.97
N PRO B 304 -18.73 18.20 28.17
CA PRO B 304 -20.06 17.80 27.70
C PRO B 304 -19.95 16.72 26.62
N PRO B 305 -19.95 15.43 27.02
CA PRO B 305 -19.38 14.37 26.19
C PRO B 305 -20.04 14.28 24.82
N ARG B 306 -19.79 15.33 24.05
CA ARG B 306 -20.27 15.47 22.68
C ARG B 306 -19.59 14.45 21.79
N GLN B 307 -20.22 14.18 20.66
CA GLN B 307 -19.93 12.98 19.88
C GLN B 307 -18.87 13.08 18.80
N PRO B 308 -18.03 12.05 18.73
CA PRO B 308 -17.21 11.56 17.63
C PRO B 308 -18.12 10.57 16.88
N VAL B 309 -17.68 9.84 15.85
CA VAL B 309 -16.34 9.87 15.27
C VAL B 309 -16.51 9.81 13.74
N PRO B 310 -17.19 10.84 13.19
CA PRO B 310 -17.66 10.78 11.80
C PRO B 310 -16.60 11.19 10.77
N TRP B 311 -15.72 10.27 10.42
CA TRP B 311 -14.62 10.53 9.48
C TRP B 311 -15.07 11.05 8.11
N GLU B 312 -16.13 10.46 7.57
CA GLU B 312 -16.63 10.76 6.23
C GLU B 312 -17.09 12.20 6.08
N THR B 313 -17.52 12.77 7.20
CA THR B 313 -17.87 14.18 7.29
C THR B 313 -16.62 15.04 7.37
N VAL B 314 -15.59 14.55 8.05
CA VAL B 314 -14.35 15.30 8.20
C VAL B 314 -13.63 15.42 6.86
N TYR B 315 -13.48 14.32 6.15
CA TYR B 315 -12.81 14.33 4.85
C TYR B 315 -13.76 13.93 3.71
N PRO B 316 -14.21 14.91 2.92
CA PRO B 316 -14.94 14.69 1.67
C PRO B 316 -14.03 14.13 0.58
N GLY B 317 -12.78 14.59 0.57
CA GLY B 317 -11.83 14.23 -0.46
C GLY B 317 -11.13 12.91 -0.20
N ALA B 318 -11.70 12.11 0.70
CA ALA B 318 -11.16 10.79 0.99
C ALA B 318 -12.17 9.72 0.63
N ASP B 319 -11.72 8.65 0.00
CA ASP B 319 -12.57 7.50 -0.26
C ASP B 319 -12.90 6.86 1.09
N ARG B 320 -13.98 6.06 1.13
CA ARG B 320 -14.33 5.34 2.35
C ARG B 320 -13.15 4.48 2.80
N GLN B 321 -12.30 4.14 1.83
CA GLN B 321 -11.08 3.38 2.09
C GLN B 321 -10.11 4.08 3.03
N ALA B 322 -9.71 5.30 2.69
CA ALA B 322 -8.73 6.02 3.50
C ALA B 322 -9.29 6.41 4.86
N LEU B 323 -10.60 6.65 4.90
CA LEU B 323 -11.29 7.06 6.12
C LEU B 323 -11.25 5.97 7.18
N SER B 324 -11.38 4.73 6.73
CA SER B 324 -11.38 3.57 7.63
C SER B 324 -10.05 3.41 8.35
N LEU B 325 -8.96 3.65 7.62
CA LEU B 325 -7.63 3.53 8.19
C LEU B 325 -7.33 4.69 9.13
N LEU B 326 -7.87 5.86 8.80
CA LEU B 326 -7.74 7.06 9.63
C LEU B 326 -8.34 6.83 11.01
N GLY B 327 -9.49 6.18 11.03
CA GLY B 327 -10.20 5.91 12.28
C GLY B 327 -9.45 4.99 13.21
N ARG B 328 -8.95 3.88 12.68
CA ARG B 328 -8.24 2.91 13.49
C ARG B 328 -6.85 3.41 13.86
N MET B 329 -6.31 4.34 13.07
CA MET B 329 -5.00 4.92 13.35
C MET B 329 -5.06 6.00 14.43
N LEU B 330 -6.03 6.89 14.35
CA LEU B 330 -6.19 7.88 15.40
C LEU B 330 -7.18 7.32 16.42
N ARG B 331 -6.63 6.94 17.57
CA ARG B 331 -7.42 6.31 18.61
C ARG B 331 -6.85 6.64 19.98
N PHE B 332 -7.73 6.80 20.96
CA PHE B 332 -7.32 7.20 22.30
C PHE B 332 -6.52 6.11 23.01
N GLU B 333 -6.94 4.85 22.85
CA GLU B 333 -6.32 3.75 23.59
C GLU B 333 -5.24 3.00 22.80
N PRO B 334 -4.01 2.98 23.33
CA PRO B 334 -2.92 2.15 22.81
C PRO B 334 -3.33 0.68 22.80
N SER B 335 -4.19 0.29 23.73
CA SER B 335 -4.75 -1.04 23.77
C SER B 335 -5.61 -1.28 22.52
N ALA B 336 -6.56 -0.38 22.28
CA ALA B 336 -7.47 -0.53 21.15
C ALA B 336 -6.88 -0.11 19.81
N ARG B 337 -5.88 0.77 19.83
CA ARG B 337 -5.29 1.27 18.59
C ARG B 337 -4.56 0.17 17.83
N ILE B 338 -4.69 0.17 16.52
CA ILE B 338 -4.08 -0.86 15.70
C ILE B 338 -2.56 -0.71 15.71
N SER B 339 -1.85 -1.80 15.42
CA SER B 339 -0.40 -1.79 15.44
C SER B 339 0.17 -1.46 14.07
N ALA B 340 1.50 -1.49 13.94
CA ALA B 340 2.15 -1.21 12.68
C ALA B 340 1.97 -2.35 11.68
N ALA B 341 2.12 -3.57 12.16
CA ALA B 341 1.99 -4.75 11.33
C ALA B 341 0.54 -4.97 10.88
N ALA B 342 -0.39 -4.72 11.80
CA ALA B 342 -1.81 -4.94 11.51
C ALA B 342 -2.40 -3.83 10.65
N ALA B 343 -1.77 -2.66 10.67
CA ALA B 343 -2.19 -1.56 9.81
C ALA B 343 -1.81 -1.85 8.36
N LEU B 344 -0.71 -2.59 8.19
CA LEU B 344 -0.25 -3.00 6.87
C LEU B 344 -1.27 -3.88 6.15
N ARG B 345 -2.06 -4.60 6.93
CA ARG B 345 -3.08 -5.51 6.40
C ARG B 345 -4.23 -4.77 5.72
N HIS B 346 -4.45 -3.52 6.13
CA HIS B 346 -5.64 -2.78 5.72
C HIS B 346 -5.82 -2.73 4.20
N PRO B 347 -7.07 -2.91 3.73
CA PRO B 347 -7.43 -2.87 2.32
C PRO B 347 -7.04 -1.55 1.63
N PHE B 348 -6.73 -0.52 2.42
CA PHE B 348 -6.12 0.69 1.87
C PHE B 348 -4.85 0.28 1.17
N LEU B 349 -3.99 -0.42 1.91
CA LEU B 349 -2.69 -0.81 1.40
C LEU B 349 -2.71 -1.92 0.34
N ALA B 350 -3.89 -2.45 0.03
CA ALA B 350 -4.03 -3.56 -0.93
C ALA B 350 -3.28 -3.43 -2.26
N LYS B 351 -3.32 -2.26 -2.87
CA LYS B 351 -2.68 -2.06 -4.17
C LYS B 351 -1.16 -2.32 -4.12
N TYR B 352 -0.51 -1.81 -3.07
CA TYR B 352 0.93 -1.95 -2.90
C TYR B 352 1.32 -3.08 -1.96
N HIS B 353 0.35 -3.83 -1.45
CA HIS B 353 0.65 -4.73 -0.34
C HIS B 353 1.53 -5.88 -0.84
N ASP B 354 2.75 -5.92 -0.31
CA ASP B 354 3.66 -7.02 -0.48
C ASP B 354 4.02 -7.54 0.91
N PRO B 355 3.52 -8.73 1.28
CA PRO B 355 3.88 -9.29 2.58
C PRO B 355 5.36 -9.63 2.68
N ASP B 356 6.01 -9.82 1.54
CA ASP B 356 7.44 -10.10 1.51
C ASP B 356 8.25 -8.84 1.83
N ASP B 357 7.70 -7.68 1.44
CA ASP B 357 8.36 -6.40 1.66
C ASP B 357 8.29 -5.94 3.11
N GLU B 358 7.58 -6.66 3.95
CA GLU B 358 7.59 -6.35 5.37
C GLU B 358 8.34 -7.43 6.15
N PRO B 359 9.61 -7.15 6.54
CA PRO B 359 10.41 -7.98 7.45
C PRO B 359 10.29 -7.58 8.90
N ASP B 360 10.99 -8.34 9.73
CA ASP B 360 11.15 -8.06 11.13
C ASP B 360 12.65 -7.96 11.41
N CYS B 361 13.02 -7.33 12.51
CA CYS B 361 14.40 -7.38 12.95
C CYS B 361 14.62 -8.76 13.56
N ALA B 362 15.61 -9.49 13.07
CA ALA B 362 15.85 -10.84 13.57
C ALA B 362 16.18 -10.86 15.08
N PRO B 363 17.24 -10.16 15.52
CA PRO B 363 17.31 -10.04 16.98
C PRO B 363 16.62 -8.77 17.47
N PRO B 364 16.48 -8.60 18.80
CA PRO B 364 16.05 -7.30 19.33
C PRO B 364 17.21 -6.31 19.33
N PHE B 365 16.91 -5.02 19.43
CA PHE B 365 17.98 -4.03 19.56
C PHE B 365 18.52 -4.10 20.98
N ASP B 366 19.81 -4.39 21.11
CA ASP B 366 20.40 -4.61 22.42
C ASP B 366 21.20 -3.39 22.86
N PHE B 367 20.69 -2.70 23.86
CA PHE B 367 21.43 -1.59 24.43
C PHE B 367 21.85 -1.98 25.84
N ALA B 368 23.13 -2.28 26.00
CA ALA B 368 23.67 -2.70 27.28
C ALA B 368 23.99 -1.50 28.16
N PHE B 369 24.55 -0.47 27.55
CA PHE B 369 25.05 0.68 28.27
C PHE B 369 23.98 1.73 28.52
N ASP B 370 22.76 1.44 28.10
CA ASP B 370 21.64 2.35 28.27
C ASP B 370 21.31 2.60 29.75
N ARG B 371 20.77 3.77 30.03
CA ARG B 371 20.28 4.13 31.36
C ARG B 371 21.38 4.23 32.42
N GLU B 372 22.61 3.86 32.06
CA GLU B 372 23.74 3.99 32.94
C GLU B 372 24.01 5.48 33.20
N ALA B 373 24.27 5.82 34.46
CA ALA B 373 24.62 7.18 34.84
C ALA B 373 26.00 7.48 34.32
N LEU B 374 26.65 6.41 33.87
CA LEU B 374 27.93 6.42 33.20
C LEU B 374 27.66 6.98 31.79
N THR B 375 28.68 7.20 30.95
CA THR B 375 30.09 6.84 31.16
C THR B 375 31.03 8.05 31.25
N ARG B 376 31.03 8.88 30.21
CA ARG B 376 31.90 10.06 30.15
C ARG B 376 33.41 9.80 30.07
N GLU B 377 33.85 9.59 28.84
CA GLU B 377 35.24 9.30 28.41
C GLU B 377 35.58 7.82 28.35
N ARG B 378 34.70 6.97 28.87
CA ARG B 378 34.65 5.59 28.43
C ARG B 378 33.56 5.46 27.37
N ILE B 379 32.78 6.54 27.19
CA ILE B 379 31.81 6.60 26.11
C ILE B 379 32.54 6.75 24.79
N LYS B 380 33.45 7.72 24.73
CA LYS B 380 34.23 7.99 23.54
C LYS B 380 34.98 6.73 23.13
N GLU B 381 35.50 6.01 24.12
CA GLU B 381 36.26 4.80 23.89
C GLU B 381 35.37 3.66 23.41
N ALA B 382 34.15 3.61 23.94
CA ALA B 382 33.18 2.63 23.47
C ALA B 382 32.72 2.96 22.05
N ILE B 383 32.84 4.21 21.66
CA ILE B 383 32.53 4.61 20.30
C ILE B 383 33.59 4.08 19.34
N VAL B 384 34.86 4.14 19.76
CA VAL B 384 35.95 3.61 18.95
C VAL B 384 35.93 2.08 18.88
N ALA B 385 35.14 1.44 19.75
CA ALA B 385 34.90 0.01 19.67
C ALA B 385 34.13 -0.27 18.39
N GLU B 386 33.14 0.58 18.12
CA GLU B 386 32.49 0.65 16.83
C GLU B 386 33.45 1.34 15.86
N ILE B 387 33.08 1.45 14.58
CA ILE B 387 33.95 1.99 13.53
C ILE B 387 35.22 1.14 13.38
N GLU B 388 35.35 0.21 14.31
CA GLU B 388 36.36 -0.83 14.38
C GLU B 388 35.55 -2.11 14.26
N ASP B 389 34.57 -2.25 15.13
CA ASP B 389 33.52 -3.25 14.95
C ASP B 389 32.92 -3.16 13.53
N PHE B 390 32.95 -1.97 12.93
CA PHE B 390 32.58 -1.80 11.51
C PHE B 390 33.72 -2.26 10.61
N HIS B 391 34.95 -2.20 11.14
CA HIS B 391 36.15 -2.58 10.39
C HIS B 391 36.54 -4.04 10.66
N ALA B 392 35.63 -4.75 11.34
CA ALA B 392 35.65 -6.20 11.69
C ALA B 392 35.82 -6.45 13.19
#